data_325D
# 
_entry.id   325D 
# 
_audit_conform.dict_name       mmcif_pdbx.dic 
_audit_conform.dict_version    5.387 
_audit_conform.dict_location   http://mmcif.pdb.org/dictionaries/ascii/mmcif_pdbx.dic 
# 
loop_
_database_2.database_id 
_database_2.database_code 
_database_2.pdbx_database_accession 
_database_2.pdbx_DOI 
PDB   325D         pdb_0000325d 10.2210/pdb325d/pdb 
RCSB  ADJB86       ?            ?                   
WWPDB D_1000178794 ?            ?                   
# 
loop_
_pdbx_audit_revision_history.ordinal 
_pdbx_audit_revision_history.data_content_type 
_pdbx_audit_revision_history.major_revision 
_pdbx_audit_revision_history.minor_revision 
_pdbx_audit_revision_history.revision_date 
1 'Structure model' 1 0 1997-05-22 
2 'Structure model' 1 1 2008-05-22 
3 'Structure model' 1 2 2011-07-13 
4 'Structure model' 1 3 2024-02-21 
# 
_pdbx_audit_revision_details.ordinal             1 
_pdbx_audit_revision_details.revision_ordinal    1 
_pdbx_audit_revision_details.data_content_type   'Structure model' 
_pdbx_audit_revision_details.provider            repository 
_pdbx_audit_revision_details.type                'Initial release' 
_pdbx_audit_revision_details.description         ? 
_pdbx_audit_revision_details.details             ? 
# 
loop_
_pdbx_audit_revision_group.ordinal 
_pdbx_audit_revision_group.revision_ordinal 
_pdbx_audit_revision_group.data_content_type 
_pdbx_audit_revision_group.group 
1 2 'Structure model' 'Version format compliance' 
2 3 'Structure model' 'Version format compliance' 
3 4 'Structure model' 'Data collection'           
4 4 'Structure model' 'Database references'       
5 4 'Structure model' 'Derived calculations'      
# 
loop_
_pdbx_audit_revision_category.ordinal 
_pdbx_audit_revision_category.revision_ordinal 
_pdbx_audit_revision_category.data_content_type 
_pdbx_audit_revision_category.category 
1 4 'Structure model' chem_comp_atom 
2 4 'Structure model' chem_comp_bond 
3 4 'Structure model' database_2     
4 4 'Structure model' struct_conn    
# 
loop_
_pdbx_audit_revision_item.ordinal 
_pdbx_audit_revision_item.revision_ordinal 
_pdbx_audit_revision_item.data_content_type 
_pdbx_audit_revision_item.item 
1 4 'Structure model' '_database_2.pdbx_DOI'                
2 4 'Structure model' '_database_2.pdbx_database_accession' 
3 4 'Structure model' '_struct_conn.pdbx_leaving_atom_flag' 
# 
_pdbx_database_status.status_code                     REL 
_pdbx_database_status.entry_id                        325D 
_pdbx_database_status.recvd_initial_deposition_date   1997-03-17 
_pdbx_database_status.deposit_site                    NDB 
_pdbx_database_status.process_site                    NDB 
_pdbx_database_status.status_code_sf                  REL 
_pdbx_database_status.status_code_mr                  ? 
_pdbx_database_status.SG_entry                        ? 
_pdbx_database_status.pdb_format_compatible           Y 
_pdbx_database_status.status_code_cs                  ? 
_pdbx_database_status.status_code_nmr_data            ? 
_pdbx_database_status.methods_development_category    ? 
# 
loop_
_audit_author.name 
_audit_author.pdbx_ordinal 
'Tippin, D.B.'      1 
'Sundaralingam, M.' 2 
# 
_citation.id                        primary 
_citation.title                     
;Nine polymorphic crystal structures of d(CCGGGCCCGG), d(CCGGGCCm5CGG), d(Cm5CGGGCCm5CGG) and d(CCGGGCC(Br)5CGG) in three different conformations: effects of spermine binding and methylation on the bending and condensation of A-DNA.
;
_citation.journal_abbrev            J.Mol.Biol. 
_citation.journal_volume            267 
_citation.page_first                1171 
_citation.page_last                 1185 
_citation.year                      1997 
_citation.journal_id_ASTM           JMOBAK 
_citation.country                   UK 
_citation.journal_id_ISSN           0022-2836 
_citation.journal_id_CSD            0070 
_citation.book_publisher            ? 
_citation.pdbx_database_id_PubMed   9150405 
_citation.pdbx_database_id_DOI      10.1006/jmbi.1997.0945 
# 
loop_
_citation_author.citation_id 
_citation_author.name 
_citation_author.ordinal 
_citation_author.identifier_ORCID 
primary 'Tippin, D.B.'      1 ? 
primary 'Sundaralingam, M.' 2 ? 
# 
loop_
_entity.id 
_entity.type 
_entity.src_method 
_entity.pdbx_description 
_entity.formula_weight 
_entity.pdbx_number_of_molecules 
_entity.pdbx_ec 
_entity.pdbx_mutation 
_entity.pdbx_fragment 
_entity.details 
1 polymer syn 
;DNA (5'-D(*CP*(5CM)P*GP*GP*GP*CP*CP*(5CM)P*GP*G)-3')
;
3075.035 2  ? ? ? ? 
2 water   nat water                                                  18.015   91 ? ? ? ? 
# 
_entity_poly.entity_id                      1 
_entity_poly.type                           polydeoxyribonucleotide 
_entity_poly.nstd_linkage                   no 
_entity_poly.nstd_monomer                   yes 
_entity_poly.pdbx_seq_one_letter_code       '(DC)(5CM)(DG)(DG)(DG)(DC)(DC)(5CM)(DG)(DG)' 
_entity_poly.pdbx_seq_one_letter_code_can   CCGGGCCCGG 
_entity_poly.pdbx_strand_id                 A,B 
_entity_poly.pdbx_target_identifier         ? 
# 
_pdbx_entity_nonpoly.entity_id   2 
_pdbx_entity_nonpoly.name        water 
_pdbx_entity_nonpoly.comp_id     HOH 
# 
loop_
_entity_poly_seq.entity_id 
_entity_poly_seq.num 
_entity_poly_seq.mon_id 
_entity_poly_seq.hetero 
1 1  DC  n 
1 2  5CM n 
1 3  DG  n 
1 4  DG  n 
1 5  DG  n 
1 6  DC  n 
1 7  DC  n 
1 8  5CM n 
1 9  DG  n 
1 10 DG  n 
# 
loop_
_chem_comp.id 
_chem_comp.type 
_chem_comp.mon_nstd_flag 
_chem_comp.name 
_chem_comp.pdbx_synonyms 
_chem_comp.formula 
_chem_comp.formula_weight 
5CM 'DNA linking' n "5-METHYL-2'-DEOXY-CYTIDINE-5'-MONOPHOSPHATE" ? 'C10 H16 N3 O7 P' 321.224 
DC  'DNA linking' y "2'-DEOXYCYTIDINE-5'-MONOPHOSPHATE"           ? 'C9 H14 N3 O7 P'  307.197 
DG  'DNA linking' y "2'-DEOXYGUANOSINE-5'-MONOPHOSPHATE"          ? 'C10 H14 N5 O7 P' 347.221 
HOH non-polymer   . WATER                                         ? 'H2 O'            18.015  
# 
loop_
_pdbx_poly_seq_scheme.asym_id 
_pdbx_poly_seq_scheme.entity_id 
_pdbx_poly_seq_scheme.seq_id 
_pdbx_poly_seq_scheme.mon_id 
_pdbx_poly_seq_scheme.ndb_seq_num 
_pdbx_poly_seq_scheme.pdb_seq_num 
_pdbx_poly_seq_scheme.auth_seq_num 
_pdbx_poly_seq_scheme.pdb_mon_id 
_pdbx_poly_seq_scheme.auth_mon_id 
_pdbx_poly_seq_scheme.pdb_strand_id 
_pdbx_poly_seq_scheme.pdb_ins_code 
_pdbx_poly_seq_scheme.hetero 
A 1 1  DC  1  1  1  DC  C  A . n 
A 1 2  5CM 2  2  2  5CM +C A . n 
A 1 3  DG  3  3  3  DG  G  A . n 
A 1 4  DG  4  4  4  DG  G  A . n 
A 1 5  DG  5  5  5  DG  G  A . n 
A 1 6  DC  6  6  6  DC  C  A . n 
A 1 7  DC  7  7  7  DC  C  A . n 
A 1 8  5CM 8  8  8  5CM +C A . n 
A 1 9  DG  9  9  9  DG  G  A . n 
A 1 10 DG  10 10 10 DG  G  A . n 
B 1 1  DC  1  11 11 DC  C  B . n 
B 1 2  5CM 2  12 12 5CM +C B . n 
B 1 3  DG  3  13 13 DG  G  B . n 
B 1 4  DG  4  14 14 DG  G  B . n 
B 1 5  DG  5  15 15 DG  G  B . n 
B 1 6  DC  6  16 16 DC  C  B . n 
B 1 7  DC  7  17 17 DC  C  B . n 
B 1 8  5CM 8  18 18 5CM +C B . n 
B 1 9  DG  9  19 19 DG  G  B . n 
B 1 10 DG  10 20 20 DG  G  B . n 
# 
loop_
_pdbx_nonpoly_scheme.asym_id 
_pdbx_nonpoly_scheme.entity_id 
_pdbx_nonpoly_scheme.mon_id 
_pdbx_nonpoly_scheme.ndb_seq_num 
_pdbx_nonpoly_scheme.pdb_seq_num 
_pdbx_nonpoly_scheme.auth_seq_num 
_pdbx_nonpoly_scheme.pdb_mon_id 
_pdbx_nonpoly_scheme.auth_mon_id 
_pdbx_nonpoly_scheme.pdb_strand_id 
_pdbx_nonpoly_scheme.pdb_ins_code 
C 2 HOH 1  25  25  HOH HOH A . 
C 2 HOH 2  27  27  HOH HOH A . 
C 2 HOH 3  28  28  HOH HOH A . 
C 2 HOH 4  29  29  HOH HOH A . 
C 2 HOH 5  30  30  HOH HOH A . 
C 2 HOH 6  31  31  HOH HOH A . 
C 2 HOH 7  32  32  HOH HOH A . 
C 2 HOH 8  33  33  HOH HOH A . 
C 2 HOH 9  34  34  HOH HOH A . 
C 2 HOH 10 35  35  HOH HOH A . 
C 2 HOH 11 36  36  HOH HOH A . 
C 2 HOH 12 72  72  HOH HOH A . 
C 2 HOH 13 73  73  HOH HOH A . 
C 2 HOH 14 76  76  HOH HOH A . 
C 2 HOH 15 77  77  HOH HOH A . 
C 2 HOH 16 79  79  HOH HOH A . 
C 2 HOH 17 80  80  HOH HOH A . 
C 2 HOH 18 82  82  HOH HOH A . 
C 2 HOH 19 83  83  HOH HOH A . 
C 2 HOH 20 84  84  HOH HOH A . 
C 2 HOH 21 85  85  HOH HOH A . 
C 2 HOH 22 87  87  HOH HOH A . 
C 2 HOH 23 88  88  HOH HOH A . 
C 2 HOH 24 89  89  HOH HOH A . 
C 2 HOH 25 90  90  HOH HOH A . 
C 2 HOH 26 91  91  HOH HOH A . 
C 2 HOH 27 93  93  HOH HOH A . 
C 2 HOH 28 94  94  HOH HOH A . 
C 2 HOH 29 95  95  HOH HOH A . 
C 2 HOH 30 96  96  HOH HOH A . 
C 2 HOH 31 97  97  HOH HOH A . 
C 2 HOH 32 98  98  HOH HOH A . 
C 2 HOH 33 99  99  HOH HOH A . 
C 2 HOH 34 100 100 HOH HOH A . 
C 2 HOH 35 101 101 HOH HOH A . 
C 2 HOH 36 102 102 HOH HOH A . 
C 2 HOH 37 103 103 HOH HOH A . 
C 2 HOH 38 104 104 HOH HOH A . 
C 2 HOH 39 105 105 HOH HOH A . 
C 2 HOH 40 106 106 HOH HOH A . 
C 2 HOH 41 107 107 HOH HOH A . 
C 2 HOH 42 108 108 HOH HOH A . 
C 2 HOH 43 111 111 HOH HOH A . 
D 2 HOH 1  21  21  HOH HOH B . 
D 2 HOH 2  22  22  HOH HOH B . 
D 2 HOH 3  23  23  HOH HOH B . 
D 2 HOH 4  24  24  HOH HOH B . 
D 2 HOH 5  26  26  HOH HOH B . 
D 2 HOH 6  37  37  HOH HOH B . 
D 2 HOH 7  38  38  HOH HOH B . 
D 2 HOH 8  39  39  HOH HOH B . 
D 2 HOH 9  40  40  HOH HOH B . 
D 2 HOH 10 41  41  HOH HOH B . 
D 2 HOH 11 42  42  HOH HOH B . 
D 2 HOH 12 43  43  HOH HOH B . 
D 2 HOH 13 44  44  HOH HOH B . 
D 2 HOH 14 45  45  HOH HOH B . 
D 2 HOH 15 46  46  HOH HOH B . 
D 2 HOH 16 47  47  HOH HOH B . 
D 2 HOH 17 48  48  HOH HOH B . 
D 2 HOH 18 49  49  HOH HOH B . 
D 2 HOH 19 50  50  HOH HOH B . 
D 2 HOH 20 51  51  HOH HOH B . 
D 2 HOH 21 52  52  HOH HOH B . 
D 2 HOH 22 53  53  HOH HOH B . 
D 2 HOH 23 54  54  HOH HOH B . 
D 2 HOH 24 55  55  HOH HOH B . 
D 2 HOH 25 56  56  HOH HOH B . 
D 2 HOH 26 57  57  HOH HOH B . 
D 2 HOH 27 58  58  HOH HOH B . 
D 2 HOH 28 59  59  HOH HOH B . 
D 2 HOH 29 60  60  HOH HOH B . 
D 2 HOH 30 61  61  HOH HOH B . 
D 2 HOH 31 62  62  HOH HOH B . 
D 2 HOH 32 63  63  HOH HOH B . 
D 2 HOH 33 64  64  HOH HOH B . 
D 2 HOH 34 65  65  HOH HOH B . 
D 2 HOH 35 66  66  HOH HOH B . 
D 2 HOH 36 67  67  HOH HOH B . 
D 2 HOH 37 68  68  HOH HOH B . 
D 2 HOH 38 69  69  HOH HOH B . 
D 2 HOH 39 70  70  HOH HOH B . 
D 2 HOH 40 71  71  HOH HOH B . 
D 2 HOH 41 74  74  HOH HOH B . 
D 2 HOH 42 75  75  HOH HOH B . 
D 2 HOH 43 78  78  HOH HOH B . 
D 2 HOH 44 81  81  HOH HOH B . 
D 2 HOH 45 86  86  HOH HOH B . 
D 2 HOH 46 92  92  HOH HOH B . 
D 2 HOH 47 109 109 HOH HOH B . 
D 2 HOH 48 110 110 HOH HOH B . 
# 
loop_
_software.name 
_software.classification 
_software.version 
_software.citation_id 
_software.pdbx_ordinal 
X-PLOR refinement       . ? 1 
MSC    'data reduction' . ? 2 
# 
_cell.entry_id           325D 
_cell.length_a           54.710 
_cell.length_b           54.710 
_cell.length_c           45.820 
_cell.angle_alpha        90.00 
_cell.angle_beta         90.00 
_cell.angle_gamma        120.00 
_cell.Z_PDB              12 
_cell.pdbx_unique_axis   ? 
# 
_symmetry.entry_id                         325D 
_symmetry.space_group_name_H-M             'P 61' 
_symmetry.pdbx_full_space_group_name_H-M   ? 
_symmetry.cell_setting                     ? 
_symmetry.Int_Tables_number                169 
# 
_exptl.entry_id          325D 
_exptl.method            'X-RAY DIFFRACTION' 
_exptl.crystals_number   ? 
# 
_exptl_crystal.id                    1 
_exptl_crystal.density_meas          ? 
_exptl_crystal.density_Matthews      3.22 
_exptl_crystal.density_percent_sol   61.79 
_exptl_crystal.description           ? 
# 
_exptl_crystal_grow.crystal_id      1 
_exptl_crystal_grow.method          'VAPOR DIFFUSION, HANGING DROP' 
_exptl_crystal_grow.temp            295.00 
_exptl_crystal_grow.temp_details    ? 
_exptl_crystal_grow.pH              7.00 
_exptl_crystal_grow.pdbx_details    'pH 7.00, VAPOR DIFFUSION, HANGING DROP, temperature 295.00K' 
_exptl_crystal_grow.pdbx_pH_range   ? 
# 
loop_
_exptl_crystal_grow_comp.crystal_id 
_exptl_crystal_grow_comp.id 
_exptl_crystal_grow_comp.sol_id 
_exptl_crystal_grow_comp.name 
_exptl_crystal_grow_comp.volume 
_exptl_crystal_grow_comp.conc 
_exptl_crystal_grow_comp.details 
1 1 1 WATER           ? ? ? 
1 2 1 'NA CACODYLATE' ? ? ? 
1 3 1 MGCL2           ? ? ? 
1 4 1 SPERMINE_HCL    ? ? ? 
1 5 2 WATER           ? ? ? 
1 6 2 MPD             ? ? ? 
# 
_diffrn.id                     1 
_diffrn.ambient_temp           295.00 
_diffrn.ambient_temp_details   ? 
_diffrn.crystal_id             1 
# 
_diffrn_detector.diffrn_id              1 
_diffrn_detector.detector               'IMAGE PLATE' 
_diffrn_detector.type                   'RIGAKU RAXIS IV' 
_diffrn_detector.pdbx_collection_date   1995-04-01 
_diffrn_detector.details                ? 
# 
_diffrn_radiation.diffrn_id                        1 
_diffrn_radiation.wavelength_id                    1 
_diffrn_radiation.pdbx_monochromatic_or_laue_m_l   M 
_diffrn_radiation.monochromator                    ? 
_diffrn_radiation.pdbx_diffrn_protocol             ? 
_diffrn_radiation.pdbx_scattering_type             x-ray 
# 
_diffrn_radiation_wavelength.id           1 
_diffrn_radiation_wavelength.wavelength   1.5418 
_diffrn_radiation_wavelength.wt           1.0 
# 
_diffrn_source.diffrn_id                   1 
_diffrn_source.source                      'ROTATING ANODE' 
_diffrn_source.type                        ? 
_diffrn_source.pdbx_synchrotron_site       ? 
_diffrn_source.pdbx_synchrotron_beamline   ? 
_diffrn_source.pdbx_wavelength             1.5418 
_diffrn_source.pdbx_wavelength_list        ? 
# 
_reflns.entry_id                     325D 
_reflns.observed_criterion_sigma_I   2.000 
_reflns.observed_criterion_sigma_F   ? 
_reflns.d_resolution_low             ? 
_reflns.d_resolution_high            2.500 
_reflns.number_obs                   2557 
_reflns.number_all                   ? 
_reflns.percent_possible_obs         74.000 
_reflns.pdbx_Rmerge_I_obs            0.0498 
_reflns.pdbx_Rsym_value              ? 
_reflns.pdbx_netI_over_sigmaI        12.200 
_reflns.B_iso_Wilson_estimate        ? 
_reflns.pdbx_redundancy              ? 
_reflns.pdbx_diffrn_id               1 
_reflns.pdbx_ordinal                 1 
# 
_refine.entry_id                                 325D 
_refine.ls_number_reflns_obs                     2557 
_refine.ls_number_reflns_all                     ? 
_refine.pdbx_ls_sigma_I                          ? 
_refine.pdbx_ls_sigma_F                          1.000 
_refine.pdbx_data_cutoff_high_absF               ? 
_refine.pdbx_data_cutoff_low_absF                ? 
_refine.pdbx_data_cutoff_high_rms_absF           ? 
_refine.ls_d_res_low                             8.000 
_refine.ls_d_res_high                            2.500 
_refine.ls_percent_reflns_obs                    ? 
_refine.ls_R_factor_obs                          0.163 
_refine.ls_R_factor_all                          ? 
_refine.ls_R_factor_R_work                       0.163 
_refine.ls_R_factor_R_free                       0.206 
_refine.ls_R_factor_R_free_error                 ? 
_refine.ls_R_factor_R_free_error_details         ? 
_refine.ls_percent_reflns_R_free                 ? 
_refine.ls_number_reflns_R_free                  ? 
_refine.ls_number_parameters                     ? 
_refine.ls_number_restraints                     ? 
_refine.occupancy_min                            ? 
_refine.occupancy_max                            ? 
_refine.B_iso_mean                               ? 
_refine.aniso_B[1][1]                            ? 
_refine.aniso_B[2][2]                            ? 
_refine.aniso_B[3][3]                            ? 
_refine.aniso_B[1][2]                            ? 
_refine.aniso_B[1][3]                            ? 
_refine.aniso_B[2][3]                            ? 
_refine.solvent_model_details                    ? 
_refine.solvent_model_param_ksol                 ? 
_refine.solvent_model_param_bsol                 ? 
_refine.pdbx_ls_cross_valid_method               ? 
_refine.details                                  ? 
_refine.pdbx_starting_model                      ? 
_refine.pdbx_method_to_determine_struct          ? 
_refine.pdbx_isotropic_thermal_model             ? 
_refine.pdbx_stereochemistry_target_values       ? 
_refine.pdbx_stereochem_target_val_spec_case     ? 
_refine.pdbx_R_Free_selection_details            ? 
_refine.pdbx_overall_ESU_R                       ? 
_refine.pdbx_overall_ESU_R_Free                  ? 
_refine.overall_SU_ML                            ? 
_refine.overall_SU_B                             ? 
_refine.pdbx_refine_id                           'X-RAY DIFFRACTION' 
_refine.pdbx_diffrn_id                           1 
_refine.pdbx_TLS_residual_ADP_flag               ? 
_refine.correlation_coeff_Fo_to_Fc               ? 
_refine.correlation_coeff_Fo_to_Fc_free          ? 
_refine.pdbx_solvent_vdw_probe_radii             ? 
_refine.pdbx_solvent_ion_probe_radii             ? 
_refine.pdbx_solvent_shrinkage_radii             ? 
_refine.pdbx_overall_phase_error                 ? 
_refine.overall_SU_R_Cruickshank_DPI             ? 
_refine.pdbx_overall_SU_R_free_Cruickshank_DPI   ? 
_refine.pdbx_overall_SU_R_Blow_DPI               ? 
_refine.pdbx_overall_SU_R_free_Blow_DPI          ? 
# 
_refine_hist.pdbx_refine_id                   'X-RAY DIFFRACTION' 
_refine_hist.cycle_id                         LAST 
_refine_hist.pdbx_number_atoms_protein        0 
_refine_hist.pdbx_number_atoms_nucleic_acid   404 
_refine_hist.pdbx_number_atoms_ligand         4 
_refine_hist.number_atoms_solvent             91 
_refine_hist.number_atoms_total               499 
_refine_hist.d_res_high                       2.500 
_refine_hist.d_res_low                        8.000 
# 
loop_
_refine_ls_restr.type 
_refine_ls_restr.dev_ideal 
_refine_ls_restr.dev_ideal_target 
_refine_ls_restr.weight 
_refine_ls_restr.number 
_refine_ls_restr.pdbx_refine_id 
_refine_ls_restr.pdbx_restraint_function 
x_bond_d                0.010 ? ? ? 'X-RAY DIFFRACTION' ? 
x_bond_d_na             ?     ? ? ? 'X-RAY DIFFRACTION' ? 
x_bond_d_prot           ?     ? ? ? 'X-RAY DIFFRACTION' ? 
x_angle_d               ?     ? ? ? 'X-RAY DIFFRACTION' ? 
x_angle_d_na            ?     ? ? ? 'X-RAY DIFFRACTION' ? 
x_angle_d_prot          ?     ? ? ? 'X-RAY DIFFRACTION' ? 
x_angle_deg             1.74  ? ? ? 'X-RAY DIFFRACTION' ? 
x_angle_deg_na          ?     ? ? ? 'X-RAY DIFFRACTION' ? 
x_angle_deg_prot        ?     ? ? ? 'X-RAY DIFFRACTION' ? 
x_dihedral_angle_d      ?     ? ? ? 'X-RAY DIFFRACTION' ? 
x_dihedral_angle_d_na   ?     ? ? ? 'X-RAY DIFFRACTION' ? 
x_dihedral_angle_d_prot ?     ? ? ? 'X-RAY DIFFRACTION' ? 
x_improper_angle_d      ?     ? ? ? 'X-RAY DIFFRACTION' ? 
x_improper_angle_d_na   ?     ? ? ? 'X-RAY DIFFRACTION' ? 
x_improper_angle_d_prot ?     ? ? ? 'X-RAY DIFFRACTION' ? 
x_mcbond_it             ?     ? ? ? 'X-RAY DIFFRACTION' ? 
x_mcangle_it            ?     ? ? ? 'X-RAY DIFFRACTION' ? 
x_scbond_it             ?     ? ? ? 'X-RAY DIFFRACTION' ? 
x_scangle_it            ?     ? ? ? 'X-RAY DIFFRACTION' ? 
# 
_struct.entry_id                  325D 
_struct.title                     'CRYSTAL STRUCTURES OF D(CM5CGGGCCM5CGG)-HEXAGONAL FORM' 
_struct.pdbx_model_details        ? 
_struct.pdbx_CASP_flag            ? 
_struct.pdbx_model_type_details   ? 
# 
_struct_keywords.entry_id        325D 
_struct_keywords.pdbx_keywords   DNA 
_struct_keywords.text            'A-DNA, DOUBLE HELIX, MODIFIED, DNA' 
# 
loop_
_struct_asym.id 
_struct_asym.pdbx_blank_PDB_chainid_flag 
_struct_asym.pdbx_modified 
_struct_asym.entity_id 
_struct_asym.details 
A N N 1 ? 
B N N 1 ? 
C N N 2 ? 
D N N 2 ? 
# 
_struct_ref.id                         1 
_struct_ref.entity_id                  1 
_struct_ref.db_name                    PDB 
_struct_ref.db_code                    325D 
_struct_ref.pdbx_db_accession          325D 
_struct_ref.pdbx_db_isoform            ? 
_struct_ref.pdbx_seq_one_letter_code   ? 
_struct_ref.pdbx_align_begin           ? 
# 
loop_
_struct_ref_seq.align_id 
_struct_ref_seq.ref_id 
_struct_ref_seq.pdbx_PDB_id_code 
_struct_ref_seq.pdbx_strand_id 
_struct_ref_seq.seq_align_beg 
_struct_ref_seq.pdbx_seq_align_beg_ins_code 
_struct_ref_seq.seq_align_end 
_struct_ref_seq.pdbx_seq_align_end_ins_code 
_struct_ref_seq.pdbx_db_accession 
_struct_ref_seq.db_align_beg 
_struct_ref_seq.pdbx_db_align_beg_ins_code 
_struct_ref_seq.db_align_end 
_struct_ref_seq.pdbx_db_align_end_ins_code 
_struct_ref_seq.pdbx_auth_seq_align_beg 
_struct_ref_seq.pdbx_auth_seq_align_end 
1 1 325D A 1 ? 10 ? 325D 1  ? 10 ? 1  10 
2 1 325D B 1 ? 10 ? 325D 11 ? 20 ? 11 20 
# 
_pdbx_struct_assembly.id                   1 
_pdbx_struct_assembly.details              author_defined_assembly 
_pdbx_struct_assembly.method_details       ? 
_pdbx_struct_assembly.oligomeric_details   dimeric 
_pdbx_struct_assembly.oligomeric_count     2 
# 
_pdbx_struct_assembly_gen.assembly_id       1 
_pdbx_struct_assembly_gen.oper_expression   1 
_pdbx_struct_assembly_gen.asym_id_list      A,B,C,D 
# 
_pdbx_struct_oper_list.id                   1 
_pdbx_struct_oper_list.type                 'identity operation' 
_pdbx_struct_oper_list.name                 1_555 
_pdbx_struct_oper_list.symmetry_operation   x,y,z 
_pdbx_struct_oper_list.matrix[1][1]         1.0000000000 
_pdbx_struct_oper_list.matrix[1][2]         0.0000000000 
_pdbx_struct_oper_list.matrix[1][3]         0.0000000000 
_pdbx_struct_oper_list.vector[1]            0.0000000000 
_pdbx_struct_oper_list.matrix[2][1]         0.0000000000 
_pdbx_struct_oper_list.matrix[2][2]         1.0000000000 
_pdbx_struct_oper_list.matrix[2][3]         0.0000000000 
_pdbx_struct_oper_list.vector[2]            0.0000000000 
_pdbx_struct_oper_list.matrix[3][1]         0.0000000000 
_pdbx_struct_oper_list.matrix[3][2]         0.0000000000 
_pdbx_struct_oper_list.matrix[3][3]         1.0000000000 
_pdbx_struct_oper_list.vector[3]            0.0000000000 
# 
_struct_biol.id   1 
# 
loop_
_struct_conn.id 
_struct_conn.conn_type_id 
_struct_conn.pdbx_leaving_atom_flag 
_struct_conn.pdbx_PDB_id 
_struct_conn.ptnr1_label_asym_id 
_struct_conn.ptnr1_label_comp_id 
_struct_conn.ptnr1_label_seq_id 
_struct_conn.ptnr1_label_atom_id 
_struct_conn.pdbx_ptnr1_label_alt_id 
_struct_conn.pdbx_ptnr1_PDB_ins_code 
_struct_conn.pdbx_ptnr1_standard_comp_id 
_struct_conn.ptnr1_symmetry 
_struct_conn.ptnr2_label_asym_id 
_struct_conn.ptnr2_label_comp_id 
_struct_conn.ptnr2_label_seq_id 
_struct_conn.ptnr2_label_atom_id 
_struct_conn.pdbx_ptnr2_label_alt_id 
_struct_conn.pdbx_ptnr2_PDB_ins_code 
_struct_conn.ptnr1_auth_asym_id 
_struct_conn.ptnr1_auth_comp_id 
_struct_conn.ptnr1_auth_seq_id 
_struct_conn.ptnr2_auth_asym_id 
_struct_conn.ptnr2_auth_comp_id 
_struct_conn.ptnr2_auth_seq_id 
_struct_conn.ptnr2_symmetry 
_struct_conn.pdbx_ptnr3_label_atom_id 
_struct_conn.pdbx_ptnr3_label_seq_id 
_struct_conn.pdbx_ptnr3_label_comp_id 
_struct_conn.pdbx_ptnr3_label_asym_id 
_struct_conn.pdbx_ptnr3_label_alt_id 
_struct_conn.pdbx_ptnr3_PDB_ins_code 
_struct_conn.details 
_struct_conn.pdbx_dist_value 
_struct_conn.pdbx_value_order 
_struct_conn.pdbx_role 
covale1  covale both ? A DC  1  "O3'" ? ? ? 1_555 A 5CM 2  P  ? ? A DC  1  A 5CM 2  1_555 ? ? ? ? ? ? ?            1.606 ? ? 
covale2  covale both ? A 5CM 2  "O3'" ? ? ? 1_555 A DG  3  P  ? ? A 5CM 2  A DG  3  1_555 ? ? ? ? ? ? ?            1.589 ? ? 
covale3  covale both ? A DC  7  "O3'" ? ? ? 1_555 A 5CM 8  P  ? ? A DC  7  A 5CM 8  1_555 ? ? ? ? ? ? ?            1.608 ? ? 
covale4  covale both ? A 5CM 8  "O3'" ? ? ? 1_555 A DG  9  P  ? ? A 5CM 8  A DG  9  1_555 ? ? ? ? ? ? ?            1.608 ? ? 
covale5  covale both ? B DC  1  "O3'" ? ? ? 1_555 B 5CM 2  P  ? ? B DC  11 B 5CM 12 1_555 ? ? ? ? ? ? ?            1.597 ? ? 
covale6  covale both ? B 5CM 2  "O3'" ? ? ? 1_555 B DG  3  P  ? ? B 5CM 12 B DG  13 1_555 ? ? ? ? ? ? ?            1.599 ? ? 
covale7  covale both ? B DC  7  "O3'" ? ? ? 1_555 B 5CM 8  P  ? ? B DC  17 B 5CM 18 1_555 ? ? ? ? ? ? ?            1.600 ? ? 
covale8  covale both ? B 5CM 8  "O3'" ? ? ? 1_555 B DG  9  P  ? ? B 5CM 18 B DG  19 1_555 ? ? ? ? ? ? ?            1.606 ? ? 
hydrog1  hydrog ?    ? A DC  1  N3    ? ? ? 1_555 B DG  10 N1 ? ? A DC  1  B DG  20 1_555 ? ? ? ? ? ? WATSON-CRICK ?     ? ? 
hydrog2  hydrog ?    ? A DC  1  N4    ? ? ? 1_555 B DG  10 O6 ? ? A DC  1  B DG  20 1_555 ? ? ? ? ? ? WATSON-CRICK ?     ? ? 
hydrog3  hydrog ?    ? A DC  1  O2    ? ? ? 1_555 B DG  10 N2 ? ? A DC  1  B DG  20 1_555 ? ? ? ? ? ? WATSON-CRICK ?     ? ? 
hydrog4  hydrog ?    ? A 5CM 2  N3    ? ? ? 1_555 B DG  9  N1 ? ? A 5CM 2  B DG  19 1_555 ? ? ? ? ? ? WATSON-CRICK ?     ? ? 
hydrog5  hydrog ?    ? A 5CM 2  N4    ? ? ? 1_555 B DG  9  O6 ? ? A 5CM 2  B DG  19 1_555 ? ? ? ? ? ? WATSON-CRICK ?     ? ? 
hydrog6  hydrog ?    ? A 5CM 2  O2    ? ? ? 1_555 B DG  9  N2 ? ? A 5CM 2  B DG  19 1_555 ? ? ? ? ? ? WATSON-CRICK ?     ? ? 
hydrog7  hydrog ?    ? A DG  3  N1    ? ? ? 1_555 B 5CM 8  N3 ? ? A DG  3  B 5CM 18 1_555 ? ? ? ? ? ? WATSON-CRICK ?     ? ? 
hydrog8  hydrog ?    ? A DG  3  N2    ? ? ? 1_555 B 5CM 8  O2 ? ? A DG  3  B 5CM 18 1_555 ? ? ? ? ? ? WATSON-CRICK ?     ? ? 
hydrog9  hydrog ?    ? A DG  3  O6    ? ? ? 1_555 B 5CM 8  N4 ? ? A DG  3  B 5CM 18 1_555 ? ? ? ? ? ? WATSON-CRICK ?     ? ? 
hydrog10 hydrog ?    ? A DG  4  N1    ? ? ? 1_555 B DC  7  N3 ? ? A DG  4  B DC  17 1_555 ? ? ? ? ? ? WATSON-CRICK ?     ? ? 
hydrog11 hydrog ?    ? A DG  4  N2    ? ? ? 1_555 B DC  7  O2 ? ? A DG  4  B DC  17 1_555 ? ? ? ? ? ? WATSON-CRICK ?     ? ? 
hydrog12 hydrog ?    ? A DG  4  O6    ? ? ? 1_555 B DC  7  N4 ? ? A DG  4  B DC  17 1_555 ? ? ? ? ? ? WATSON-CRICK ?     ? ? 
hydrog13 hydrog ?    ? A DG  5  N1    ? ? ? 1_555 B DC  6  N3 ? ? A DG  5  B DC  16 1_555 ? ? ? ? ? ? WATSON-CRICK ?     ? ? 
hydrog14 hydrog ?    ? A DG  5  N2    ? ? ? 1_555 B DC  6  O2 ? ? A DG  5  B DC  16 1_555 ? ? ? ? ? ? WATSON-CRICK ?     ? ? 
hydrog15 hydrog ?    ? A DG  5  O6    ? ? ? 1_555 B DC  6  N4 ? ? A DG  5  B DC  16 1_555 ? ? ? ? ? ? WATSON-CRICK ?     ? ? 
hydrog16 hydrog ?    ? A DC  6  N3    ? ? ? 1_555 B DG  5  N1 ? ? A DC  6  B DG  15 1_555 ? ? ? ? ? ? WATSON-CRICK ?     ? ? 
hydrog17 hydrog ?    ? A DC  6  N4    ? ? ? 1_555 B DG  5  O6 ? ? A DC  6  B DG  15 1_555 ? ? ? ? ? ? WATSON-CRICK ?     ? ? 
hydrog18 hydrog ?    ? A DC  6  O2    ? ? ? 1_555 B DG  5  N2 ? ? A DC  6  B DG  15 1_555 ? ? ? ? ? ? WATSON-CRICK ?     ? ? 
hydrog19 hydrog ?    ? A DC  7  N3    ? ? ? 1_555 B DG  4  N1 ? ? A DC  7  B DG  14 1_555 ? ? ? ? ? ? WATSON-CRICK ?     ? ? 
hydrog20 hydrog ?    ? A DC  7  N4    ? ? ? 1_555 B DG  4  O6 ? ? A DC  7  B DG  14 1_555 ? ? ? ? ? ? WATSON-CRICK ?     ? ? 
hydrog21 hydrog ?    ? A DC  7  O2    ? ? ? 1_555 B DG  4  N2 ? ? A DC  7  B DG  14 1_555 ? ? ? ? ? ? WATSON-CRICK ?     ? ? 
hydrog22 hydrog ?    ? A 5CM 8  N3    ? ? ? 1_555 B DG  3  N1 ? ? A 5CM 8  B DG  13 1_555 ? ? ? ? ? ? WATSON-CRICK ?     ? ? 
hydrog23 hydrog ?    ? A 5CM 8  N4    ? ? ? 1_555 B DG  3  O6 ? ? A 5CM 8  B DG  13 1_555 ? ? ? ? ? ? WATSON-CRICK ?     ? ? 
hydrog24 hydrog ?    ? A 5CM 8  O2    ? ? ? 1_555 B DG  3  N2 ? ? A 5CM 8  B DG  13 1_555 ? ? ? ? ? ? WATSON-CRICK ?     ? ? 
hydrog25 hydrog ?    ? A DG  9  N1    ? ? ? 1_555 B 5CM 2  N3 ? ? A DG  9  B 5CM 12 1_555 ? ? ? ? ? ? WATSON-CRICK ?     ? ? 
hydrog26 hydrog ?    ? A DG  9  N2    ? ? ? 1_555 B 5CM 2  O2 ? ? A DG  9  B 5CM 12 1_555 ? ? ? ? ? ? WATSON-CRICK ?     ? ? 
hydrog27 hydrog ?    ? A DG  9  O6    ? ? ? 1_555 B 5CM 2  N4 ? ? A DG  9  B 5CM 12 1_555 ? ? ? ? ? ? WATSON-CRICK ?     ? ? 
hydrog28 hydrog ?    ? A DG  10 N1    ? ? ? 1_555 B DC  1  N3 ? ? A DG  10 B DC  11 1_555 ? ? ? ? ? ? WATSON-CRICK ?     ? ? 
hydrog29 hydrog ?    ? A DG  10 N2    ? ? ? 1_555 B DC  1  O2 ? ? A DG  10 B DC  11 1_555 ? ? ? ? ? ? WATSON-CRICK ?     ? ? 
hydrog30 hydrog ?    ? A DG  10 O6    ? ? ? 1_555 B DC  1  N4 ? ? A DG  10 B DC  11 1_555 ? ? ? ? ? ? WATSON-CRICK ?     ? ? 
# 
loop_
_struct_conn_type.id 
_struct_conn_type.criteria 
_struct_conn_type.reference 
covale ? ? 
hydrog ? ? 
# 
loop_
_pdbx_validate_rmsd_angle.id 
_pdbx_validate_rmsd_angle.PDB_model_num 
_pdbx_validate_rmsd_angle.auth_atom_id_1 
_pdbx_validate_rmsd_angle.auth_asym_id_1 
_pdbx_validate_rmsd_angle.auth_comp_id_1 
_pdbx_validate_rmsd_angle.auth_seq_id_1 
_pdbx_validate_rmsd_angle.PDB_ins_code_1 
_pdbx_validate_rmsd_angle.label_alt_id_1 
_pdbx_validate_rmsd_angle.auth_atom_id_2 
_pdbx_validate_rmsd_angle.auth_asym_id_2 
_pdbx_validate_rmsd_angle.auth_comp_id_2 
_pdbx_validate_rmsd_angle.auth_seq_id_2 
_pdbx_validate_rmsd_angle.PDB_ins_code_2 
_pdbx_validate_rmsd_angle.label_alt_id_2 
_pdbx_validate_rmsd_angle.auth_atom_id_3 
_pdbx_validate_rmsd_angle.auth_asym_id_3 
_pdbx_validate_rmsd_angle.auth_comp_id_3 
_pdbx_validate_rmsd_angle.auth_seq_id_3 
_pdbx_validate_rmsd_angle.PDB_ins_code_3 
_pdbx_validate_rmsd_angle.label_alt_id_3 
_pdbx_validate_rmsd_angle.angle_value 
_pdbx_validate_rmsd_angle.angle_target_value 
_pdbx_validate_rmsd_angle.angle_deviation 
_pdbx_validate_rmsd_angle.angle_standard_deviation 
_pdbx_validate_rmsd_angle.linker_flag 
1  1 "C4'" A DC 1  ? ? "C3'" A DC 1  ? ? "C2'" A DC 1  ? ? 97.48  102.20 -4.72 0.70 N 
2  1 "O4'" A DC 1  ? ? "C1'" A DC 1  ? ? N1    A DC 1  ? ? 113.92 108.30 5.62  0.30 N 
3  1 "O4'" A DG 3  ? ? "C1'" A DG 3  ? ? N9    A DG 3  ? ? 113.73 108.30 5.43  0.30 N 
4  1 "O4'" A DG 4  ? ? "C1'" A DG 4  ? ? N9    A DG 4  ? ? 111.58 108.30 3.28  0.30 N 
5  1 "O4'" A DG 5  ? ? "C1'" A DG 5  ? ? N9    A DG 5  ? ? 111.91 108.30 3.61  0.30 N 
6  1 C8    A DG 5  ? ? N9    A DG 5  ? ? C4    A DG 5  ? ? 103.84 106.40 -2.56 0.40 N 
7  1 "O4'" A DC 6  ? ? "C1'" A DC 6  ? ? N1    A DC 6  ? ? 112.53 108.30 4.23  0.30 N 
8  1 "O4'" A DC 7  ? ? "C1'" A DC 7  ? ? N1    A DC 7  ? ? 114.43 108.30 6.13  0.30 N 
9  1 "O4'" A DG 9  ? ? "C1'" A DG 9  ? ? N9    A DG 9  ? ? 112.32 108.30 4.02  0.30 N 
10 1 C8    A DG 9  ? ? N9    A DG 9  ? ? C4    A DG 9  ? ? 103.80 106.40 -2.60 0.40 N 
11 1 "O4'" A DG 10 ? ? "C1'" A DG 10 ? ? N9    A DG 10 ? ? 112.69 108.30 4.39  0.30 N 
12 1 "O4'" B DC 11 ? ? "C1'" B DC 11 ? ? N1    B DC 11 ? ? 111.91 108.30 3.61  0.30 N 
13 1 N1    B DC 11 ? ? C2    B DC 11 ? ? O2    B DC 11 ? ? 122.79 118.90 3.89  0.60 N 
14 1 "O4'" B DG 13 ? ? "C1'" B DG 13 ? ? N9    B DG 13 ? ? 112.47 108.30 4.17  0.30 N 
15 1 "O4'" B DG 14 ? ? "C1'" B DG 14 ? ? N9    B DG 14 ? ? 115.46 108.30 7.16  0.30 N 
16 1 "O4'" B DC 16 ? ? "C1'" B DC 16 ? ? N1    B DC 16 ? ? 113.07 108.30 4.77  0.30 N 
17 1 "O4'" B DC 17 ? ? "C1'" B DC 17 ? ? N1    B DC 17 ? ? 114.87 108.30 6.57  0.30 N 
18 1 "O4'" B DG 19 ? ? "C4'" B DG 19 ? ? "C3'" B DG 19 ? ? 101.92 104.50 -2.58 0.40 N 
19 1 "O4'" B DG 19 ? ? "C1'" B DG 19 ? ? N9    B DG 19 ? ? 113.06 108.30 4.76  0.30 N 
20 1 "O4'" B DG 20 ? ? "C1'" B DG 20 ? ? N9    B DG 20 ? ? 112.45 108.30 4.15  0.30 N 
# 
loop_
_pdbx_struct_mod_residue.id 
_pdbx_struct_mod_residue.label_asym_id 
_pdbx_struct_mod_residue.label_comp_id 
_pdbx_struct_mod_residue.label_seq_id 
_pdbx_struct_mod_residue.auth_asym_id 
_pdbx_struct_mod_residue.auth_comp_id 
_pdbx_struct_mod_residue.auth_seq_id 
_pdbx_struct_mod_residue.PDB_ins_code 
_pdbx_struct_mod_residue.parent_comp_id 
_pdbx_struct_mod_residue.details 
1 A 5CM 2 A 5CM 2  ? DC ? 
2 A 5CM 8 A 5CM 8  ? DC ? 
3 B 5CM 2 B 5CM 12 ? DC ? 
4 B 5CM 8 B 5CM 18 ? DC ? 
# 
loop_
_refine_B_iso.class 
_refine_B_iso.details 
_refine_B_iso.treatment 
_refine_B_iso.pdbx_refine_id 
'ALL ATOMS'  TR isotropic 'X-RAY DIFFRACTION' 
'ALL WATERS' TR isotropic 'X-RAY DIFFRACTION' 
# 
loop_
_refine_occupancy.class 
_refine_occupancy.treatment 
_refine_occupancy.pdbx_refine_id 
'ALL ATOMS'  fix 'X-RAY DIFFRACTION' 
'ALL WATERS' fix 'X-RAY DIFFRACTION' 
# 
loop_
_chem_comp_atom.comp_id 
_chem_comp_atom.atom_id 
_chem_comp_atom.type_symbol 
_chem_comp_atom.pdbx_aromatic_flag 
_chem_comp_atom.pdbx_stereo_config 
_chem_comp_atom.pdbx_ordinal 
5CM N1     N N N 1   
5CM C2     C N N 2   
5CM N3     N N N 3   
5CM C4     C N N 4   
5CM C5     C N N 5   
5CM C5A    C N N 6   
5CM C6     C N N 7   
5CM O2     O N N 8   
5CM N4     N N N 9   
5CM "C1'"  C N R 10  
5CM "C2'"  C N N 11  
5CM "C3'"  C N S 12  
5CM "C4'"  C N R 13  
5CM "O4'"  O N N 14  
5CM "O3'"  O N N 15  
5CM "C5'"  C N N 16  
5CM "O5'"  O N N 17  
5CM P      P N N 18  
5CM OP1    O N N 19  
5CM OP2    O N N 20  
5CM OP3    O N N 21  
5CM H5A1   H N N 22  
5CM H5A2   H N N 23  
5CM H5A3   H N N 24  
5CM H6     H N N 25  
5CM HN41   H N N 26  
5CM HN42   H N N 27  
5CM "H1'"  H N N 28  
5CM "H2'"  H N N 29  
5CM "H2''" H N N 30  
5CM "H3'"  H N N 31  
5CM "H4'"  H N N 32  
5CM "HO3'" H N N 33  
5CM "H5'"  H N N 34  
5CM "H5''" H N N 35  
5CM HOP2   H N N 36  
5CM HOP3   H N N 37  
DC  OP3    O N N 38  
DC  P      P N N 39  
DC  OP1    O N N 40  
DC  OP2    O N N 41  
DC  "O5'"  O N N 42  
DC  "C5'"  C N N 43  
DC  "C4'"  C N R 44  
DC  "O4'"  O N N 45  
DC  "C3'"  C N S 46  
DC  "O3'"  O N N 47  
DC  "C2'"  C N N 48  
DC  "C1'"  C N R 49  
DC  N1     N N N 50  
DC  C2     C N N 51  
DC  O2     O N N 52  
DC  N3     N N N 53  
DC  C4     C N N 54  
DC  N4     N N N 55  
DC  C5     C N N 56  
DC  C6     C N N 57  
DC  HOP3   H N N 58  
DC  HOP2   H N N 59  
DC  "H5'"  H N N 60  
DC  "H5''" H N N 61  
DC  "H4'"  H N N 62  
DC  "H3'"  H N N 63  
DC  "HO3'" H N N 64  
DC  "H2'"  H N N 65  
DC  "H2''" H N N 66  
DC  "H1'"  H N N 67  
DC  H41    H N N 68  
DC  H42    H N N 69  
DC  H5     H N N 70  
DC  H6     H N N 71  
DG  OP3    O N N 72  
DG  P      P N N 73  
DG  OP1    O N N 74  
DG  OP2    O N N 75  
DG  "O5'"  O N N 76  
DG  "C5'"  C N N 77  
DG  "C4'"  C N R 78  
DG  "O4'"  O N N 79  
DG  "C3'"  C N S 80  
DG  "O3'"  O N N 81  
DG  "C2'"  C N N 82  
DG  "C1'"  C N R 83  
DG  N9     N Y N 84  
DG  C8     C Y N 85  
DG  N7     N Y N 86  
DG  C5     C Y N 87  
DG  C6     C N N 88  
DG  O6     O N N 89  
DG  N1     N N N 90  
DG  C2     C N N 91  
DG  N2     N N N 92  
DG  N3     N N N 93  
DG  C4     C Y N 94  
DG  HOP3   H N N 95  
DG  HOP2   H N N 96  
DG  "H5'"  H N N 97  
DG  "H5''" H N N 98  
DG  "H4'"  H N N 99  
DG  "H3'"  H N N 100 
DG  "HO3'" H N N 101 
DG  "H2'"  H N N 102 
DG  "H2''" H N N 103 
DG  "H1'"  H N N 104 
DG  H8     H N N 105 
DG  H1     H N N 106 
DG  H21    H N N 107 
DG  H22    H N N 108 
HOH O      O N N 109 
HOH H1     H N N 110 
HOH H2     H N N 111 
# 
loop_
_chem_comp_bond.comp_id 
_chem_comp_bond.atom_id_1 
_chem_comp_bond.atom_id_2 
_chem_comp_bond.value_order 
_chem_comp_bond.pdbx_aromatic_flag 
_chem_comp_bond.pdbx_stereo_config 
_chem_comp_bond.pdbx_ordinal 
5CM N1    C2     sing N N 1   
5CM N1    C6     sing N N 2   
5CM N1    "C1'"  sing N N 3   
5CM C2    N3     sing N N 4   
5CM C2    O2     doub N N 5   
5CM N3    C4     doub N N 6   
5CM C4    C5     sing N N 7   
5CM C4    N4     sing N N 8   
5CM C5    C5A    sing N N 9   
5CM C5    C6     doub N N 10  
5CM C5A   H5A1   sing N N 11  
5CM C5A   H5A2   sing N N 12  
5CM C5A   H5A3   sing N N 13  
5CM C6    H6     sing N N 14  
5CM N4    HN41   sing N N 15  
5CM N4    HN42   sing N N 16  
5CM "C1'" "C2'"  sing N N 17  
5CM "C1'" "O4'"  sing N N 18  
5CM "C1'" "H1'"  sing N N 19  
5CM "C2'" "C3'"  sing N N 20  
5CM "C2'" "H2'"  sing N N 21  
5CM "C2'" "H2''" sing N N 22  
5CM "C3'" "C4'"  sing N N 23  
5CM "C3'" "O3'"  sing N N 24  
5CM "C3'" "H3'"  sing N N 25  
5CM "C4'" "O4'"  sing N N 26  
5CM "C4'" "C5'"  sing N N 27  
5CM "C4'" "H4'"  sing N N 28  
5CM "O3'" "HO3'" sing N N 29  
5CM "C5'" "O5'"  sing N N 30  
5CM "C5'" "H5'"  sing N N 31  
5CM "C5'" "H5''" sing N N 32  
5CM "O5'" P      sing N N 33  
5CM P     OP1    doub N N 34  
5CM P     OP2    sing N N 35  
5CM P     OP3    sing N N 36  
5CM OP2   HOP2   sing N N 37  
5CM OP3   HOP3   sing N N 38  
DC  OP3   P      sing N N 39  
DC  OP3   HOP3   sing N N 40  
DC  P     OP1    doub N N 41  
DC  P     OP2    sing N N 42  
DC  P     "O5'"  sing N N 43  
DC  OP2   HOP2   sing N N 44  
DC  "O5'" "C5'"  sing N N 45  
DC  "C5'" "C4'"  sing N N 46  
DC  "C5'" "H5'"  sing N N 47  
DC  "C5'" "H5''" sing N N 48  
DC  "C4'" "O4'"  sing N N 49  
DC  "C4'" "C3'"  sing N N 50  
DC  "C4'" "H4'"  sing N N 51  
DC  "O4'" "C1'"  sing N N 52  
DC  "C3'" "O3'"  sing N N 53  
DC  "C3'" "C2'"  sing N N 54  
DC  "C3'" "H3'"  sing N N 55  
DC  "O3'" "HO3'" sing N N 56  
DC  "C2'" "C1'"  sing N N 57  
DC  "C2'" "H2'"  sing N N 58  
DC  "C2'" "H2''" sing N N 59  
DC  "C1'" N1     sing N N 60  
DC  "C1'" "H1'"  sing N N 61  
DC  N1    C2     sing N N 62  
DC  N1    C6     sing N N 63  
DC  C2    O2     doub N N 64  
DC  C2    N3     sing N N 65  
DC  N3    C4     doub N N 66  
DC  C4    N4     sing N N 67  
DC  C4    C5     sing N N 68  
DC  N4    H41    sing N N 69  
DC  N4    H42    sing N N 70  
DC  C5    C6     doub N N 71  
DC  C5    H5     sing N N 72  
DC  C6    H6     sing N N 73  
DG  OP3   P      sing N N 74  
DG  OP3   HOP3   sing N N 75  
DG  P     OP1    doub N N 76  
DG  P     OP2    sing N N 77  
DG  P     "O5'"  sing N N 78  
DG  OP2   HOP2   sing N N 79  
DG  "O5'" "C5'"  sing N N 80  
DG  "C5'" "C4'"  sing N N 81  
DG  "C5'" "H5'"  sing N N 82  
DG  "C5'" "H5''" sing N N 83  
DG  "C4'" "O4'"  sing N N 84  
DG  "C4'" "C3'"  sing N N 85  
DG  "C4'" "H4'"  sing N N 86  
DG  "O4'" "C1'"  sing N N 87  
DG  "C3'" "O3'"  sing N N 88  
DG  "C3'" "C2'"  sing N N 89  
DG  "C3'" "H3'"  sing N N 90  
DG  "O3'" "HO3'" sing N N 91  
DG  "C2'" "C1'"  sing N N 92  
DG  "C2'" "H2'"  sing N N 93  
DG  "C2'" "H2''" sing N N 94  
DG  "C1'" N9     sing N N 95  
DG  "C1'" "H1'"  sing N N 96  
DG  N9    C8     sing Y N 97  
DG  N9    C4     sing Y N 98  
DG  C8    N7     doub Y N 99  
DG  C8    H8     sing N N 100 
DG  N7    C5     sing Y N 101 
DG  C5    C6     sing N N 102 
DG  C5    C4     doub Y N 103 
DG  C6    O6     doub N N 104 
DG  C6    N1     sing N N 105 
DG  N1    C2     sing N N 106 
DG  N1    H1     sing N N 107 
DG  C2    N2     sing N N 108 
DG  C2    N3     doub N N 109 
DG  N2    H21    sing N N 110 
DG  N2    H22    sing N N 111 
DG  N3    C4     sing N N 112 
HOH O     H1     sing N N 113 
HOH O     H2     sing N N 114 
# 
_ndb_struct_conf_na.entry_id   325D 
_ndb_struct_conf_na.feature    'a-form double helix' 
# 
loop_
_ndb_struct_na_base_pair.model_number 
_ndb_struct_na_base_pair.i_label_asym_id 
_ndb_struct_na_base_pair.i_label_comp_id 
_ndb_struct_na_base_pair.i_label_seq_id 
_ndb_struct_na_base_pair.i_symmetry 
_ndb_struct_na_base_pair.j_label_asym_id 
_ndb_struct_na_base_pair.j_label_comp_id 
_ndb_struct_na_base_pair.j_label_seq_id 
_ndb_struct_na_base_pair.j_symmetry 
_ndb_struct_na_base_pair.shear 
_ndb_struct_na_base_pair.stretch 
_ndb_struct_na_base_pair.stagger 
_ndb_struct_na_base_pair.buckle 
_ndb_struct_na_base_pair.propeller 
_ndb_struct_na_base_pair.opening 
_ndb_struct_na_base_pair.pair_number 
_ndb_struct_na_base_pair.pair_name 
_ndb_struct_na_base_pair.i_auth_asym_id 
_ndb_struct_na_base_pair.i_auth_seq_id 
_ndb_struct_na_base_pair.i_PDB_ins_code 
_ndb_struct_na_base_pair.j_auth_asym_id 
_ndb_struct_na_base_pair.j_auth_seq_id 
_ndb_struct_na_base_pair.j_PDB_ins_code 
_ndb_struct_na_base_pair.hbond_type_28 
_ndb_struct_na_base_pair.hbond_type_12 
1 A DC  1  1_555 B DG  10 1_555 0.162  -0.078 0.651  -10.079 -1.859  -3.241 1  A_DC1:DG20_B  A 1  ? B 20 ? 19 1 
1 A 5CM 2  1_555 B DG  9  1_555 0.483  -0.127 -0.403 14.719  -17.185 -4.382 2  A_5CM2:DG19_B A 2  ? B 19 ? 19 1 
1 A DG  3  1_555 B 5CM 8  1_555 0.238  -0.176 -0.679 -14.765 -16.361 -3.882 3  A_DG3:5CM18_B A 3  ? B 18 ? 19 1 
1 A DG  4  1_555 B DC  7  1_555 -0.449 -0.325 0.067  -4.766  -11.585 -1.192 4  A_DG4:DC17_B  A 4  ? B 17 ? 19 1 
1 A DG  5  1_555 B DC  6  1_555 -0.008 -0.285 -0.200 -3.508  -18.159 -3.947 5  A_DG5:DC16_B  A 5  ? B 16 ? 19 1 
1 A DC  6  1_555 B DG  5  1_555 0.305  -0.310 0.174  4.397   -12.875 -3.753 6  A_DC6:DG15_B  A 6  ? B 15 ? 19 1 
1 A DC  7  1_555 B DG  4  1_555 0.544  -0.101 -0.196 -0.207  -5.963  0.864  7  A_DC7:DG14_B  A 7  ? B 14 ? 19 1 
1 A 5CM 8  1_555 B DG  3  1_555 0.221  -0.197 -0.216 3.572   -12.326 -4.716 8  A_5CM8:DG13_B A 8  ? B 13 ? 19 1 
1 A DG  9  1_555 B 5CM 2  1_555 -0.446 -0.232 -0.044 1.112   -10.735 -3.129 9  A_DG9:5CM12_B A 9  ? B 12 ? 19 1 
1 A DG  10 1_555 B DC  1  1_555 0.189  0.244  0.200  3.623   -0.033  -6.844 10 A_DG10:DC11_B A 10 ? B 11 ? 19 1 
# 
loop_
_ndb_struct_na_base_pair_step.model_number 
_ndb_struct_na_base_pair_step.i_label_asym_id_1 
_ndb_struct_na_base_pair_step.i_label_comp_id_1 
_ndb_struct_na_base_pair_step.i_label_seq_id_1 
_ndb_struct_na_base_pair_step.i_symmetry_1 
_ndb_struct_na_base_pair_step.j_label_asym_id_1 
_ndb_struct_na_base_pair_step.j_label_comp_id_1 
_ndb_struct_na_base_pair_step.j_label_seq_id_1 
_ndb_struct_na_base_pair_step.j_symmetry_1 
_ndb_struct_na_base_pair_step.i_label_asym_id_2 
_ndb_struct_na_base_pair_step.i_label_comp_id_2 
_ndb_struct_na_base_pair_step.i_label_seq_id_2 
_ndb_struct_na_base_pair_step.i_symmetry_2 
_ndb_struct_na_base_pair_step.j_label_asym_id_2 
_ndb_struct_na_base_pair_step.j_label_comp_id_2 
_ndb_struct_na_base_pair_step.j_label_seq_id_2 
_ndb_struct_na_base_pair_step.j_symmetry_2 
_ndb_struct_na_base_pair_step.shift 
_ndb_struct_na_base_pair_step.slide 
_ndb_struct_na_base_pair_step.rise 
_ndb_struct_na_base_pair_step.tilt 
_ndb_struct_na_base_pair_step.roll 
_ndb_struct_na_base_pair_step.twist 
_ndb_struct_na_base_pair_step.x_displacement 
_ndb_struct_na_base_pair_step.y_displacement 
_ndb_struct_na_base_pair_step.helical_rise 
_ndb_struct_na_base_pair_step.inclination 
_ndb_struct_na_base_pair_step.tip 
_ndb_struct_na_base_pair_step.helical_twist 
_ndb_struct_na_base_pair_step.step_number 
_ndb_struct_na_base_pair_step.step_name 
_ndb_struct_na_base_pair_step.i_auth_asym_id_1 
_ndb_struct_na_base_pair_step.i_auth_seq_id_1 
_ndb_struct_na_base_pair_step.i_PDB_ins_code_1 
_ndb_struct_na_base_pair_step.j_auth_asym_id_1 
_ndb_struct_na_base_pair_step.j_auth_seq_id_1 
_ndb_struct_na_base_pair_step.j_PDB_ins_code_1 
_ndb_struct_na_base_pair_step.i_auth_asym_id_2 
_ndb_struct_na_base_pair_step.i_auth_seq_id_2 
_ndb_struct_na_base_pair_step.i_PDB_ins_code_2 
_ndb_struct_na_base_pair_step.j_auth_asym_id_2 
_ndb_struct_na_base_pair_step.j_auth_seq_id_2 
_ndb_struct_na_base_pair_step.j_PDB_ins_code_2 
1 A DC  1 1_555 B DG  10 1_555 A 5CM 2  1_555 B DG  9 1_555 -0.522 -1.973 2.568 4.322  2.085  30.568 -4.004 1.609  2.337 3.924  
-8.135 30.933 1 AA_DC15CM2:DG19DG20_BB  A 1 ? B 20 ? A 2  ? B 19 ? 
1 A 5CM 2 1_555 B DG  9  1_555 A DG  3  1_555 B 5CM 8 1_555 0.105  -1.346 4.213 1.288  14.287 32.247 -4.795 0.058  3.340 24.279 
-2.189 35.216 2 AA_5CM2DG3:5CM18DG19_BB A 2 ? B 19 ? A 3  ? B 18 ? 
1 A DG  3 1_555 B 5CM 8  1_555 A DG  4  1_555 B DC  7 1_555 0.182  -1.663 3.037 -5.370 8.852  25.653 -5.294 -1.480 2.265 18.980 
11.514 27.631 3 AA_DG3DG4:DC175CM18_BB  A 3 ? B 18 ? A 4  ? B 17 ? 
1 A DG  4 1_555 B DC  7  1_555 A DG  5  1_555 B DC  6 1_555 -1.368 -1.088 3.367 -2.451 7.249  34.141 -2.916 1.903  3.164 12.158 
4.112  34.963 4 AA_DG4DG5:DC16DC17_BB   A 4 ? B 17 ? A 5  ? B 16 ? 
1 A DG  5 1_555 B DC  6  1_555 A DC  6  1_555 B DG  5 1_555 1.329  -1.583 3.056 -0.310 2.760  30.214 -3.530 -2.596 2.890 5.280  
0.594  30.338 5 AA_DG5DC6:DG15DC16_BB   A 5 ? B 16 ? A 6  ? B 15 ? 
1 A DC  6 1_555 B DG  5  1_555 A DC  7  1_555 B DG  4 1_555 0.264  -1.659 3.594 3.628  -1.105 33.361 -2.670 0.204  3.653 -1.917 
-6.294 33.570 6 AA_DC6DC7:DG14DG15_BB   A 6 ? B 15 ? A 7  ? B 14 ? 
1 A DC  7 1_555 B DG  4  1_555 A 5CM 8  1_555 B DG  3 1_555 -1.422 -1.939 3.302 -1.982 8.018  27.799 -5.546 2.429  2.740 16.241 
4.014  28.977 7 AA_DC75CM8:DG13DG14_BB  A 7 ? B 14 ? A 8  ? B 13 ? 
1 A 5CM 8 1_555 B DG  3  1_555 A DG  9  1_555 B 5CM 2 1_555 1.182  -1.841 3.343 0.800  11.606 23.779 -6.809 -2.394 2.250 26.249 
-1.808 26.436 8 AA_5CM8DG9:5CM12DG13_BB A 8 ? B 13 ? A 9  ? B 12 ? 
1 A DG  9 1_555 B 5CM 2  1_555 A DG  10 1_555 B DC  1 1_555 0.361  -2.176 3.196 0.407  2.303  35.106 -3.928 -0.540 3.056 3.813  
-0.673 35.182 9 AA_DG9DG10:DC115CM12_BB A 9 ? B 12 ? A 10 ? B 11 ? 
# 
_atom_sites.entry_id                    325D 
_atom_sites.fract_transf_matrix[1][1]   0.01486160 
_atom_sites.fract_transf_matrix[1][2]   0.00655460 
_atom_sites.fract_transf_matrix[1][3]   0.01347669 
_atom_sites.fract_transf_matrix[2][1]   0.02038707 
_atom_sites.fract_transf_matrix[2][2]   -0.00330793 
_atom_sites.fract_transf_matrix[2][3]   -0.00434607 
_atom_sites.fract_transf_matrix[3][1]   0.00091046 
_atom_sites.fract_transf_matrix[3][2]   0.01919793 
_atom_sites.fract_transf_matrix[3][3]   -0.01034124 
_atom_sites.fract_transf_vector[1]      0.543563 
_atom_sites.fract_transf_vector[2]      -0.054133 
_atom_sites.fract_transf_vector[3]      0.196251 
# 
loop_
_atom_type.symbol 
C 
N 
O 
P 
# 
loop_
_atom_site.group_PDB 
_atom_site.id 
_atom_site.type_symbol 
_atom_site.label_atom_id 
_atom_site.label_alt_id 
_atom_site.label_comp_id 
_atom_site.label_asym_id 
_atom_site.label_entity_id 
_atom_site.label_seq_id 
_atom_site.pdbx_PDB_ins_code 
_atom_site.Cartn_x 
_atom_site.Cartn_y 
_atom_site.Cartn_z 
_atom_site.occupancy 
_atom_site.B_iso_or_equiv 
_atom_site.pdbx_formal_charge 
_atom_site.auth_seq_id 
_atom_site.auth_comp_id 
_atom_site.auth_asym_id 
_atom_site.auth_atom_id 
_atom_site.pdbx_PDB_model_num 
ATOM   1   O "O5'" . DC  A 1 1  ? -5.729  2.787   12.023  1.00 56.10 ? 1   DC  A "O5'" 1 
ATOM   2   C "C5'" . DC  A 1 1  ? -6.912  2.048   12.323  1.00 48.48 ? 1   DC  A "C5'" 1 
ATOM   3   C "C4'" . DC  A 1 1  ? -8.100  2.689   11.663  1.00 42.87 ? 1   DC  A "C4'" 1 
ATOM   4   O "O4'" . DC  A 1 1  ? -8.107  4.096   11.980  1.00 45.98 ? 1   DC  A "O4'" 1 
ATOM   5   C "C3'" . DC  A 1 1  ? -8.105  2.633   10.135  1.00 44.30 ? 1   DC  A "C3'" 1 
ATOM   6   O "O3'" . DC  A 1 1  ? -8.712  1.395   9.754   1.00 41.99 ? 1   DC  A "O3'" 1 
ATOM   7   C "C2'" . DC  A 1 1  ? -9.154  3.707   9.902   1.00 41.59 ? 1   DC  A "C2'" 1 
ATOM   8   C "C1'" . DC  A 1 1  ? -8.619  4.819   10.828  1.00 41.06 ? 1   DC  A "C1'" 1 
ATOM   9   N N1    . DC  A 1 1  ? -7.604  5.742   10.181  1.00 41.29 ? 1   DC  A N1    1 
ATOM   10  C C2    . DC  A 1 1  ? -7.972  6.529   9.089   1.00 36.29 ? 1   DC  A C2    1 
ATOM   11  O O2    . DC  A 1 1  ? -9.124  6.545   8.658   1.00 38.91 ? 1   DC  A O2    1 
ATOM   12  N N3    . DC  A 1 1  ? -7.048  7.330   8.507   1.00 40.62 ? 1   DC  A N3    1 
ATOM   13  C C4    . DC  A 1 1  ? -5.802  7.389   8.954   1.00 43.19 ? 1   DC  A C4    1 
ATOM   14  N N4    . DC  A 1 1  ? -4.955  8.234   8.369   1.00 38.32 ? 1   DC  A N4    1 
ATOM   15  C C5    . DC  A 1 1  ? -5.394  6.606   10.067  1.00 39.38 ? 1   DC  A C5    1 
ATOM   16  C C6    . DC  A 1 1  ? -6.316  5.809   10.638  1.00 44.03 ? 1   DC  A C6    1 
HETATM 17  N N1    . 5CM A 1 2  ? -9.032  5.226   5.483   1.00 41.39 ? 2   5CM A N1    1 
HETATM 18  C C2    . 5CM A 1 2  ? -8.820  6.427   4.825   1.00 39.94 ? 2   5CM A C2    1 
HETATM 19  N N3    . 5CM A 1 2  ? -7.580  6.962   4.809   1.00 39.20 ? 2   5CM A N3    1 
HETATM 20  C C4    . 5CM A 1 2  ? -6.558  6.373   5.417   1.00 40.85 ? 2   5CM A C4    1 
HETATM 21  C C5    . 5CM A 1 2  ? -6.742  5.141   6.097   1.00 41.21 ? 2   5CM A C5    1 
HETATM 22  C C5A   . 5CM A 1 2  ? -5.580  4.460   6.788   1.00 41.47 ? 2   5CM A C5A   1 
HETATM 23  C C6    . 5CM A 1 2  ? -7.974  4.607   6.099   1.00 40.53 ? 2   5CM A C6    1 
HETATM 24  O O2    . 5CM A 1 2  ? -9.725  7.026   4.246   1.00 38.65 ? 2   5CM A O2    1 
HETATM 25  N N4    . 5CM A 1 2  ? -5.353  6.945   5.392   1.00 42.42 ? 2   5CM A N4    1 
HETATM 26  C "C1'" . 5CM A 1 2  ? -10.442 4.702   5.556   1.00 46.14 ? 2   5CM A "C1'" 1 
HETATM 27  C "C2'" . 5CM A 1 2  ? -10.887 3.879   4.359   1.00 48.55 ? 2   5CM A "C2'" 1 
HETATM 28  C "C3'" . 5CM A 1 2  ? -10.584 2.478   4.865   1.00 44.59 ? 2   5CM A "C3'" 1 
HETATM 29  C "C4'" . 5CM A 1 2  ? -11.200 2.617   6.249   1.00 51.44 ? 2   5CM A "C4'" 1 
HETATM 30  O "O4'" . 5CM A 1 2  ? -10.719 3.883   6.714   1.00 46.37 ? 2   5CM A "O4'" 1 
HETATM 31  O "O3'" . 5CM A 1 2  ? -11.407 1.567   4.140   1.00 45.93 ? 2   5CM A "O3'" 1 
HETATM 32  C "C5'" . 5CM A 1 2  ? -10.695 1.547   7.183   1.00 45.37 ? 2   5CM A "C5'" 1 
HETATM 33  O "O5'" . 5CM A 1 2  ? -9.270  1.645   7.291   1.00 46.19 ? 2   5CM A "O5'" 1 
HETATM 34  P P     . 5CM A 1 2  ? -8.484  0.717   8.316   1.00 45.59 ? 2   5CM A P     1 
HETATM 35  O OP1   . 5CM A 1 2  ? -9.120  -0.627  8.344   1.00 46.41 ? 2   5CM A OP1   1 
HETATM 36  O OP2   . 5CM A 1 2  ? -7.057  0.823   7.989   1.00 46.29 ? 2   5CM A OP2   1 
ATOM   37  P P     . DG  A 1 3  ? -10.815 0.688   2.955   1.00 51.16 ? 3   DG  A P     1 
ATOM   38  O OP1   . DG  A 1 3  ? -11.866 -0.257  2.500   1.00 50.04 ? 3   DG  A OP1   1 
ATOM   39  O OP2   . DG  A 1 3  ? -9.491  0.186   3.385   1.00 48.29 ? 3   DG  A OP2   1 
ATOM   40  O "O5'" . DG  A 1 3  ? -10.587 1.772   1.818   1.00 46.52 ? 3   DG  A "O5'" 1 
ATOM   41  C "C5'" . DG  A 1 3  ? -11.685 2.173   1.010   1.00 48.29 ? 3   DG  A "C5'" 1 
ATOM   42  C "C4'" . DG  A 1 3  ? -11.291 3.357   0.173   1.00 45.07 ? 3   DG  A "C4'" 1 
ATOM   43  O "O4'" . DG  A 1 3  ? -10.804 4.375   1.037   1.00 44.19 ? 3   DG  A "O4'" 1 
ATOM   44  C "C3'" . DG  A 1 3  ? -10.116 3.055   -0.721  1.00 45.80 ? 3   DG  A "C3'" 1 
ATOM   45  O "O3'" . DG  A 1 3  ? -10.635 2.455   -1.908  1.00 48.97 ? 3   DG  A "O3'" 1 
ATOM   46  C "C2'" . DG  A 1 3  ? -9.739  4.468   -1.054  1.00 45.88 ? 3   DG  A "C2'" 1 
ATOM   47  C "C1'" . DG  A 1 3  ? -9.783  5.096   0.322   1.00 44.47 ? 3   DG  A "C1'" 1 
ATOM   48  N N9    . DG  A 1 3  ? -8.458  5.076   0.989   1.00 38.76 ? 3   DG  A N9    1 
ATOM   49  C C8    . DG  A 1 3  ? -7.997  4.295   2.018   1.00 37.04 ? 3   DG  A C8    1 
ATOM   50  N N7    . DG  A 1 3  ? -6.776  4.548   2.390   1.00 34.20 ? 3   DG  A N7    1 
ATOM   51  C C5    . DG  A 1 3  ? -6.389  5.570   1.552   1.00 33.15 ? 3   DG  A C5    1 
ATOM   52  C C6    . DG  A 1 3  ? -5.142  6.216   1.460   1.00 32.52 ? 3   DG  A C6    1 
ATOM   53  O O6    . DG  A 1 3  ? -4.134  6.047   2.151   1.00 35.36 ? 3   DG  A O6    1 
ATOM   54  N N1    . DG  A 1 3  ? -5.146  7.151   0.444   1.00 29.74 ? 3   DG  A N1    1 
ATOM   55  C C2    . DG  A 1 3  ? -6.215  7.436   -0.379  1.00 31.41 ? 3   DG  A C2    1 
ATOM   56  N N2    . DG  A 1 3  ? -6.017  8.399   -1.273  1.00 25.73 ? 3   DG  A N2    1 
ATOM   57  N N3    . DG  A 1 3  ? -7.397  6.825   -0.297  1.00 30.88 ? 3   DG  A N3    1 
ATOM   58  C C4    . DG  A 1 3  ? -7.408  5.904   0.693   1.00 35.97 ? 3   DG  A C4    1 
ATOM   59  P P     . DG  A 1 4  ? -9.790  1.466   -2.838  1.00 46.16 ? 4   DG  A P     1 
ATOM   60  O OP1   . DG  A 1 4  ? -10.705 0.871   -3.849  1.00 48.79 ? 4   DG  A OP1   1 
ATOM   61  O OP2   . DG  A 1 4  ? -9.008  0.573   -1.968  1.00 49.68 ? 4   DG  A OP2   1 
ATOM   62  O "O5'" . DG  A 1 4  ? -8.773  2.435   -3.548  1.00 46.95 ? 4   DG  A "O5'" 1 
ATOM   63  C "C5'" . DG  A 1 4  ? -9.190  3.264   -4.629  1.00 38.28 ? 4   DG  A "C5'" 1 
ATOM   64  C "C4'" . DG  A 1 4  ? -8.061  4.226   -4.959  1.00 33.30 ? 4   DG  A "C4'" 1 
ATOM   65  O "O4'" . DG  A 1 4  ? -7.614  4.787   -3.741  1.00 31.64 ? 4   DG  A "O4'" 1 
ATOM   66  C "C3'" . DG  A 1 4  ? -6.843  3.546   -5.501  1.00 35.43 ? 4   DG  A "C3'" 1 
ATOM   67  O "O3'" . DG  A 1 4  ? -7.093  3.452   -6.890  1.00 32.96 ? 4   DG  A "O3'" 1 
ATOM   68  C "C2'" . DG  A 1 4  ? -5.863  4.656   -5.303  1.00 32.53 ? 4   DG  A "C2'" 1 
ATOM   69  C "C1'" . DG  A 1 4  ? -6.268  5.181   -3.941  1.00 35.63 ? 4   DG  A "C1'" 1 
ATOM   70  N N9    . DG  A 1 4  ? -5.413  4.755   -2.833  1.00 32.59 ? 4   DG  A N9    1 
ATOM   71  C C8    . DG  A 1 4  ? -5.668  3.898   -1.797  1.00 32.64 ? 4   DG  A C8    1 
ATOM   72  N N7    . DG  A 1 4  ? -4.688  3.799   -0.933  1.00 33.50 ? 4   DG  A N7    1 
ATOM   73  C C5    . DG  A 1 4  ? -3.719  4.649   -1.443  1.00 30.40 ? 4   DG  A C5    1 
ATOM   74  C C6    . DG  A 1 4  ? -2.469  5.017   -0.912  1.00 28.57 ? 4   DG  A C6    1 
ATOM   75  O O6    . DG  A 1 4  ? -1.935  4.600   0.112   1.00 26.99 ? 4   DG  A O6    1 
ATOM   76  N N1    . DG  A 1 4  ? -1.831  5.967   -1.707  1.00 26.29 ? 4   DG  A N1    1 
ATOM   77  C C2    . DG  A 1 4  ? -2.346  6.509   -2.863  1.00 26.94 ? 4   DG  A C2    1 
ATOM   78  N N2    . DG  A 1 4  ? -1.613  7.414   -3.504  1.00 20.23 ? 4   DG  A N2    1 
ATOM   79  N N3    . DG  A 1 4  ? -3.527  6.154   -3.357  1.00 28.25 ? 4   DG  A N3    1 
ATOM   80  C C4    . DG  A 1 4  ? -4.156  5.233   -2.601  1.00 30.07 ? 4   DG  A C4    1 
ATOM   81  P P     . DG  A 1 5  ? -6.254  2.557   -7.893  1.00 43.81 ? 5   DG  A P     1 
ATOM   82  O OP1   . DG  A 1 5  ? -7.012  2.451   -9.158  1.00 40.93 ? 5   DG  A OP1   1 
ATOM   83  O OP2   . DG  A 1 5  ? -5.854  1.329   -7.187  1.00 43.38 ? 5   DG  A OP2   1 
ATOM   84  O "O5'" . DG  A 1 5  ? -4.947  3.433   -8.125  1.00 40.81 ? 5   DG  A "O5'" 1 
ATOM   85  C "C5'" . DG  A 1 5  ? -4.834  4.408   -9.161  1.00 36.41 ? 5   DG  A "C5'" 1 
ATOM   86  C "C4'" . DG  A 1 5  ? -3.423  4.928   -9.190  1.00 34.59 ? 5   DG  A "C4'" 1 
ATOM   87  O "O4'" . DG  A 1 5  ? -3.115  5.492   -7.915  1.00 35.84 ? 5   DG  A "O4'" 1 
ATOM   88  C "C3'" . DG  A 1 5  ? -2.424  3.798   -9.316  1.00 33.47 ? 5   DG  A "C3'" 1 
ATOM   89  O "O3'" . DG  A 1 5  ? -2.279  3.491   -10.697 1.00 31.24 ? 5   DG  A "O3'" 1 
ATOM   90  C "C2'" . DG  A 1 5  ? -1.187  4.536   -8.864  1.00 35.56 ? 5   DG  A "C2'" 1 
ATOM   91  C "C1'" . DG  A 1 5  ? -1.724  5.229   -7.619  1.00 35.55 ? 5   DG  A "C1'" 1 
ATOM   92  N N9    . DG  A 1 5  ? -1.558  4.495   -6.327  1.00 30.09 ? 5   DG  A N9    1 
ATOM   93  C C8    . DG  A 1 5  ? -2.404  3.603   -5.724  1.00 31.37 ? 5   DG  A C8    1 
ATOM   94  N N7    . DG  A 1 5  ? -2.014  3.148   -4.568  1.00 33.42 ? 5   DG  A N7    1 
ATOM   95  C C5    . DG  A 1 5  ? -0.799  3.784   -4.378  1.00 25.31 ? 5   DG  A C5    1 
ATOM   96  C C6    . DG  A 1 5  ? 0.128   3.633   -3.328  1.00 23.99 ? 5   DG  A C6    1 
ATOM   97  O O6    . DG  A 1 5  ? 0.024   2.907   -2.343  1.00 21.18 ? 5   DG  A O6    1 
ATOM   98  N N1    . DG  A 1 5  ? 1.266   4.390   -3.530  1.00 27.13 ? 5   DG  A N1    1 
ATOM   99  C C2    . DG  A 1 5  ? 1.489   5.198   -4.617  1.00 28.29 ? 5   DG  A C2    1 
ATOM   100 N N2    . DG  A 1 5  ? 2.640   5.873   -4.629  1.00 26.97 ? 5   DG  A N2    1 
ATOM   101 N N3    . DG  A 1 5  ? 0.616   5.338   -5.618  1.00 30.38 ? 5   DG  A N3    1 
ATOM   102 C C4    . DG  A 1 5  ? -0.507  4.607   -5.439  1.00 29.88 ? 5   DG  A C4    1 
ATOM   103 P P     . DC  A 1 6  ? -1.618  2.102   -11.115 1.00 19.23 ? 6   DC  A P     1 
ATOM   104 O OP1   . DC  A 1 6  ? -1.794  1.929   -12.569 1.00 27.66 ? 6   DC  A OP1   1 
ATOM   105 O OP2   . DC  A 1 6  ? -2.047  1.051   -10.174 1.00 25.20 ? 6   DC  A OP2   1 
ATOM   106 O "O5'" . DC  A 1 6  ? -0.089  2.429   -10.873 1.00 29.58 ? 6   DC  A "O5'" 1 
ATOM   107 C "C5'" . DC  A 1 6  ? 0.852   1.424   -10.531 1.00 35.70 ? 6   DC  A "C5'" 1 
ATOM   108 C "C4'" . DC  A 1 6  ? 1.968   1.981   -9.673  1.00 39.16 ? 6   DC  A "C4'" 1 
ATOM   109 O "O4'" . DC  A 1 6  ? 1.427   2.576   -8.506  1.00 37.55 ? 6   DC  A "O4'" 1 
ATOM   110 C "C3'" . DC  A 1 6  ? 2.864   0.892   -9.156  1.00 39.94 ? 6   DC  A "C3'" 1 
ATOM   111 O "O3'" . DC  A 1 6  ? 3.849   0.650   -10.177 1.00 36.50 ? 6   DC  A "O3'" 1 
ATOM   112 C "C2'" . DC  A 1 6  ? 3.531   1.651   -8.031  1.00 37.94 ? 6   DC  A "C2'" 1 
ATOM   113 C "C1'" . DC  A 1 6  ? 2.336   2.388   -7.417  1.00 35.39 ? 6   DC  A "C1'" 1 
ATOM   114 N N1    . DC  A 1 6  ? 1.705   1.660   -6.255  1.00 25.23 ? 6   DC  A N1    1 
ATOM   115 C C2    . DC  A 1 6  ? 2.394   1.574   -5.042  1.00 22.10 ? 6   DC  A C2    1 
ATOM   116 O O2    . DC  A 1 6  ? 3.459   2.155   -4.849  1.00 22.30 ? 6   DC  A O2    1 
ATOM   117 N N3    . DC  A 1 6  ? 1.845   0.867   -4.024  1.00 23.70 ? 6   DC  A N3    1 
ATOM   118 C C4    . DC  A 1 6  ? 0.664   0.262   -4.153  1.00 22.38 ? 6   DC  A C4    1 
ATOM   119 N N4    . DC  A 1 6  ? 0.152   -0.404  -3.126  1.00 20.72 ? 6   DC  A N4    1 
ATOM   120 C C5    . DC  A 1 6  ? -0.067  0.336   -5.370  1.00 23.06 ? 6   DC  A C5    1 
ATOM   121 C C6    . DC  A 1 6  ? 0.488   1.039   -6.375  1.00 26.98 ? 6   DC  A C6    1 
ATOM   122 P P     . DC  A 1 7  ? 4.583   -0.744  -10.327 1.00 34.54 ? 7   DC  A P     1 
ATOM   123 O OP1   . DC  A 1 7  ? 5.351   -0.701  -11.591 1.00 35.14 ? 7   DC  A OP1   1 
ATOM   124 O OP2   . DC  A 1 7  ? 3.605   -1.819  -10.140 1.00 28.67 ? 7   DC  A OP2   1 
ATOM   125 O "O5'" . DC  A 1 7  ? 5.583   -0.769  -9.087  1.00 31.59 ? 7   DC  A "O5'" 1 
ATOM   126 C "C5'" . DC  A 1 7  ? 6.849   -0.110  -9.146  1.00 30.12 ? 7   DC  A "C5'" 1 
ATOM   127 C "C4'" . DC  A 1 7  ? 7.463   -0.086  -7.767  1.00 28.84 ? 7   DC  A "C4'" 1 
ATOM   128 O "O4'" . DC  A 1 7  ? 6.435   0.341   -6.885  1.00 28.56 ? 7   DC  A "O4'" 1 
ATOM   129 C "C3'" . DC  A 1 7  ? 7.826   -1.450  -7.266  1.00 30.97 ? 7   DC  A "C3'" 1 
ATOM   130 O "O3'" . DC  A 1 7  ? 9.171   -1.716  -7.696  1.00 29.53 ? 7   DC  A "O3'" 1 
ATOM   131 C "C2'" . DC  A 1 7  ? 7.871   -1.139  -5.804  1.00 29.95 ? 7   DC  A "C2'" 1 
ATOM   132 C "C1'" . DC  A 1 7  ? 6.600   -0.347  -5.638  1.00 26.53 ? 7   DC  A "C1'" 1 
ATOM   133 N N1    . DC  A 1 7  ? 5.409   -1.167  -5.216  1.00 24.17 ? 7   DC  A N1    1 
ATOM   134 C C2    . DC  A 1 7  ? 5.329   -1.602  -3.906  1.00 23.38 ? 7   DC  A C2    1 
ATOM   135 O O2    . DC  A 1 7  ? 6.238   -1.398  -3.114  1.00 20.54 ? 7   DC  A O2    1 
ATOM   136 N N3    . DC  A 1 7  ? 4.221   -2.264  -3.487  1.00 20.24 ? 7   DC  A N3    1 
ATOM   137 C C4    . DC  A 1 7  ? 3.212   -2.505  -4.315  1.00 18.84 ? 7   DC  A C4    1 
ATOM   138 N N4    . DC  A 1 7  ? 2.145   -3.139  -3.847  1.00 16.16 ? 7   DC  A N4    1 
ATOM   139 C C5    . DC  A 1 7  ? 3.265   -2.082  -5.671  1.00 17.69 ? 7   DC  A C5    1 
ATOM   140 C C6    . DC  A 1 7  ? 4.374   -1.428  -6.070  1.00 20.88 ? 7   DC  A C6    1 
HETATM 141 N N1    . 5CM A 1 8  ? 8.665   -4.711  -2.630  1.00 27.44 ? 8   5CM A N1    1 
HETATM 142 C C2    . 5CM A 1 8  ? 8.047   -5.271  -1.535  1.00 29.01 ? 8   5CM A C2    1 
HETATM 143 N N3    . 5CM A 1 8  ? 6.762   -5.709  -1.638  1.00 26.29 ? 8   5CM A N3    1 
HETATM 144 C C4    . 5CM A 1 8  ? 6.090   -5.609  -2.782  1.00 29.12 ? 8   5CM A C4    1 
HETATM 145 C C5    . 5CM A 1 8  ? 6.710   -5.035  -3.928  1.00 26.88 ? 8   5CM A C5    1 
HETATM 146 C C5A   . 5CM A 1 8  ? 6.000   -4.936  -5.252  1.00 25.27 ? 8   5CM A C5A   1 
HETATM 147 C C6    . 5CM A 1 8  ? 7.981   -4.609  -3.805  1.00 26.05 ? 8   5CM A C6    1 
HETATM 148 O O2    . 5CM A 1 8  ? 8.652   -5.371  -0.475  1.00 25.28 ? 8   5CM A O2    1 
HETATM 149 N N4    . 5CM A 1 8  ? 4.834   -6.064  -2.856  1.00 29.59 ? 8   5CM A N4    1 
HETATM 150 C "C1'" . 5CM A 1 8  ? 10.059  -4.202  -2.454  1.00 29.13 ? 8   5CM A "C1'" 1 
HETATM 151 C "C2'" . 5CM A 1 8  ? 11.166  -5.227  -2.687  1.00 33.91 ? 8   5CM A "C2'" 1 
HETATM 152 C "C3'" . 5CM A 1 8  ? 11.511  -4.940  -4.120  1.00 33.50 ? 8   5CM A "C3'" 1 
HETATM 153 C "C4'" . 5CM A 1 8  ? 11.503  -3.432  -4.090  1.00 30.63 ? 8   5CM A "C4'" 1 
HETATM 154 O "O4'" . 5CM A 1 8  ? 10.347  -3.113  -3.332  1.00 31.52 ? 8   5CM A "O4'" 1 
HETATM 155 O "O3'" . 5CM A 1 8  ? 12.853  -5.355  -4.361  1.00 38.39 ? 8   5CM A "O3'" 1 
HETATM 156 C "C5'" . 5CM A 1 8  ? 11.323  -2.815  -5.462  1.00 28.31 ? 8   5CM A "C5'" 1 
HETATM 157 O "O5'" . 5CM A 1 8  ? 10.149  -3.340  -6.047  1.00 27.63 ? 8   5CM A "O5'" 1 
HETATM 158 P P     . 5CM A 1 8  ? 9.848   -3.169  -7.580  1.00 26.61 ? 8   5CM A P     1 
HETATM 159 O OP1   . 5CM A 1 8  ? 11.147  -3.111  -8.283  1.00 30.91 ? 8   5CM A OP1   1 
HETATM 160 O OP2   . 5CM A 1 8  ? 8.858   -4.181  -7.982  1.00 28.25 ? 8   5CM A OP2   1 
ATOM   161 P P     . DG  A 1 9  ? 13.075  -6.714  -5.191  1.00 45.32 ? 9   DG  A P     1 
ATOM   162 O OP1   . DG  A 1 9  ? 14.495  -6.806  -5.571  1.00 45.40 ? 9   DG  A OP1   1 
ATOM   163 O OP2   . DG  A 1 9  ? 12.027  -6.867  -6.224  1.00 40.12 ? 9   DG  A OP2   1 
ATOM   164 O "O5'" . DG  A 1 9  ? 12.831  -7.783  -4.052  1.00 40.04 ? 9   DG  A "O5'" 1 
ATOM   165 C "C5'" . DG  A 1 9  ? 11.986  -8.908  -4.199  1.00 41.34 ? 9   DG  A "C5'" 1 
ATOM   166 C "C4'" . DG  A 1 9  ? 11.612  -9.419  -2.844  1.00 40.47 ? 9   DG  A "C4'" 1 
ATOM   167 O "O4'" . DG  A 1 9  ? 10.738  -8.506  -2.184  1.00 40.92 ? 9   DG  A "O4'" 1 
ATOM   168 C "C3'" . DG  A 1 9  ? 10.798  -10.649 -2.994  1.00 43.84 ? 9   DG  A "C3'" 1 
ATOM   169 O "O3'" . DG  A 1 9  ? 11.710  -11.708 -3.184  1.00 41.98 ? 9   DG  A "O3'" 1 
ATOM   170 C "C2'" . DG  A 1 9  ? 10.220  -10.709 -1.592  1.00 38.58 ? 9   DG  A "C2'" 1 
ATOM   171 C "C1'" . DG  A 1 9  ? 9.716   -9.270  -1.507  1.00 40.77 ? 9   DG  A "C1'" 1 
ATOM   172 N N9    . DG  A 1 9  ? 8.384   -9.144  -2.166  1.00 34.85 ? 9   DG  A N9    1 
ATOM   173 C C8    . DG  A 1 9  ? 7.997   -8.604  -3.387  1.00 33.44 ? 9   DG  A C8    1 
ATOM   174 N N7    . DG  A 1 9  ? 6.724   -8.723  -3.664  1.00 31.73 ? 9   DG  A N7    1 
ATOM   175 C C5    . DG  A 1 9  ? 6.233   -9.380  -2.556  1.00 30.35 ? 9   DG  A C5    1 
ATOM   176 C C6    . DG  A 1 9  ? 4.916   -9.739  -2.265  1.00 29.70 ? 9   DG  A C6    1 
ATOM   177 O O6    . DG  A 1 9  ? 3.934   -9.583  -2.994  1.00 27.58 ? 9   DG  A O6    1 
ATOM   178 N N1    . DG  A 1 9  ? 4.807   -10.329 -1.009  1.00 28.55 ? 9   DG  A N1    1 
ATOM   179 C C2    . DG  A 1 9  ? 5.851   -10.548 -0.141  1.00 30.31 ? 9   DG  A C2    1 
ATOM   180 N N2    . DG  A 1 9  ? 5.564   -11.105 1.038   1.00 28.30 ? 9   DG  A N2    1 
ATOM   181 N N3    . DG  A 1 9  ? 7.109   -10.211 -0.423  1.00 31.33 ? 9   DG  A N3    1 
ATOM   182 C C4    . DG  A 1 9  ? 7.223   -9.637  -1.645  1.00 33.73 ? 9   DG  A C4    1 
ATOM   183 P P     . DG  A 1 10 ? 11.366  -12.902 -4.181  1.00 43.17 ? 10  DG  A P     1 
ATOM   184 O OP1   . DG  A 1 10 ? 12.587  -13.699 -4.394  1.00 45.70 ? 10  DG  A OP1   1 
ATOM   185 O OP2   . DG  A 1 10 ? 10.615  -12.395 -5.348  1.00 38.35 ? 10  DG  A OP2   1 
ATOM   186 O "O5'" . DG  A 1 10 ? 10.376  -13.771 -3.283  1.00 42.80 ? 10  DG  A "O5'" 1 
ATOM   187 C "C5'" . DG  A 1 10 ? 10.929  -14.408 -2.121  1.00 42.22 ? 10  DG  A "C5'" 1 
ATOM   188 C "C4'" . DG  A 1 10 ? 9.803   -14.865 -1.209  1.00 40.60 ? 10  DG  A "C4'" 1 
ATOM   189 O "O4'" . DG  A 1 10 ? 8.928   -13.779 -0.943  1.00 31.65 ? 10  DG  A "O4'" 1 
ATOM   190 C "C3'" . DG  A 1 10 ? 8.944   -15.888 -1.852  1.00 38.55 ? 10  DG  A "C3'" 1 
ATOM   191 O "O3'" . DG  A 1 10 ? 9.645   -17.105 -1.685  1.00 43.04 ? 10  DG  A "O3'" 1 
ATOM   192 C "C2'" . DG  A 1 10 ? 7.711   -15.772 -1.003  1.00 36.98 ? 10  DG  A "C2'" 1 
ATOM   193 C "C1'" . DG  A 1 10 ? 7.575   -14.273 -0.912  1.00 38.10 ? 10  DG  A "C1'" 1 
ATOM   194 N N9    . DG  A 1 10 ? 6.742   -13.722 -1.998  1.00 32.38 ? 10  DG  A N9    1 
ATOM   195 C C8    . DG  A 1 10 ? 7.126   -12.988 -3.099  1.00 32.72 ? 10  DG  A C8    1 
ATOM   196 N N7    . DG  A 1 10 ? 6.147   -12.591 -3.864  1.00 36.51 ? 10  DG  A N7    1 
ATOM   197 C C5    . DG  A 1 10 ? 5.031   -13.106 -3.216  1.00 32.66 ? 10  DG  A C5    1 
ATOM   198 C C6    . DG  A 1 10 ? 3.677   -12.998 -3.556  1.00 35.76 ? 10  DG  A C6    1 
ATOM   199 O O6    . DG  A 1 10 ? 3.197   -12.434 -4.531  1.00 47.00 ? 10  DG  A O6    1 
ATOM   200 N N1    . DG  A 1 10 ? 2.853   -13.643 -2.671  1.00 36.74 ? 10  DG  A N1    1 
ATOM   201 C C2    . DG  A 1 10 ? 3.280   -14.314 -1.568  1.00 32.11 ? 10  DG  A C2    1 
ATOM   202 N N2    . DG  A 1 10 ? 2.331   -14.888 -0.839  1.00 31.06 ? 10  DG  A N2    1 
ATOM   203 N N3    . DG  A 1 10 ? 4.560   -14.423 -1.225  1.00 32.23 ? 10  DG  A N3    1 
ATOM   204 C C4    . DG  A 1 10 ? 5.377   -13.791 -2.090  1.00 35.56 ? 10  DG  A C4    1 
ATOM   205 O "O5'" . DC  B 1 1  ? -5.491  -11.864 -2.931  1.00 40.01 ? 11  DC  B "O5'" 1 
ATOM   206 C "C5'" . DC  B 1 1  ? -6.415  -12.594 -2.118  1.00 43.46 ? 11  DC  B "C5'" 1 
ATOM   207 C "C4'" . DC  B 1 1  ? -5.733  -13.770 -1.398  1.00 39.85 ? 11  DC  B "C4'" 1 
ATOM   208 O "O4'" . DC  B 1 1  ? -5.084  -14.610 -2.375  1.00 42.27 ? 11  DC  B "O4'" 1 
ATOM   209 C "C3'" . DC  B 1 1  ? -4.602  -13.295 -0.507  1.00 41.83 ? 11  DC  B "C3'" 1 
ATOM   210 O "O3'" . DC  B 1 1  ? -5.155  -13.049 0.775   1.00 45.13 ? 11  DC  B "O3'" 1 
ATOM   211 C "C2'" . DC  B 1 1  ? -3.818  -14.562 -0.429  1.00 43.98 ? 11  DC  B "C2'" 1 
ATOM   212 C "C1'" . DC  B 1 1  ? -3.752  -14.912 -1.919  1.00 43.69 ? 11  DC  B "C1'" 1 
ATOM   213 N N1    . DC  B 1 1  ? -2.698  -14.204 -2.746  1.00 47.66 ? 11  DC  B N1    1 
ATOM   214 C C2    . DC  B 1 1  ? -1.359  -14.239 -2.361  1.00 55.60 ? 11  DC  B C2    1 
ATOM   215 O O2    . DC  B 1 1  ? -0.966  -14.853 -1.366  1.00 58.81 ? 11  DC  B O2    1 
ATOM   216 N N3    . DC  B 1 1  ? -0.448  -13.587 -3.137  1.00 55.02 ? 11  DC  B N3    1 
ATOM   217 C C4    . DC  B 1 1  ? -0.783  -12.935 -4.254  1.00 53.10 ? 11  DC  B C4    1 
ATOM   218 N N4    . DC  B 1 1  ? 0.179   -12.313 -4.941  1.00 56.62 ? 11  DC  B N4    1 
ATOM   219 C C5    . DC  B 1 1  ? -2.142  -12.888 -4.681  1.00 52.43 ? 11  DC  B C5    1 
ATOM   220 C C6    . DC  B 1 1  ? -3.040  -13.531 -3.905  1.00 46.47 ? 11  DC  B C6    1 
HETATM 221 N N1    . 5CM B 1 2  ? 0.614   -12.357 0.884   1.00 36.02 ? 12  5CM B N1    1 
HETATM 222 C C2    . 5CM B 1 2  ? 1.891   -11.959 0.499   1.00 35.43 ? 12  5CM B C2    1 
HETATM 223 N N3    . 5CM B 1 2  ? 2.028   -11.165 -0.595  1.00 35.98 ? 12  5CM B N3    1 
HETATM 224 C C4    . 5CM B 1 2  ? 0.985   -10.770 -1.309  1.00 38.24 ? 12  5CM B C4    1 
HETATM 225 C C5    . 5CM B 1 2  ? -0.333  -11.164 -0.939  1.00 38.06 ? 12  5CM B C5    1 
HETATM 226 C C5A   . 5CM B 1 2  ? -1.550  -10.672 -1.691  1.00 37.26 ? 12  5CM B C5A   1 
HETATM 227 C C6    . 5CM B 1 2  ? -0.471  -11.946 0.150   1.00 37.52 ? 12  5CM B C6    1 
HETATM 228 O O2    . 5CM B 1 2  ? 2.903   -12.346 1.083   1.00 37.13 ? 12  5CM B O2    1 
HETATM 229 N N4    . 5CM B 1 2  ? 1.183   -9.994  -2.375  1.00 37.39 ? 12  5CM B N4    1 
HETATM 230 C "C1'" . 5CM B 1 2  ? 0.480   -13.227 2.093   1.00 33.34 ? 12  5CM B "C1'" 1 
HETATM 231 C "C2'" . 5CM B 1 2  ? 0.663   -12.503 3.422   1.00 35.86 ? 12  5CM B "C2'" 1 
HETATM 232 C "C3'" . 5CM B 1 2  ? -0.762  -12.131 3.739   1.00 37.96 ? 12  5CM B "C3'" 1 
HETATM 233 C "C4'" . 5CM B 1 2  ? -1.415  -13.446 3.397   1.00 40.24 ? 12  5CM B "C4'" 1 
HETATM 234 O "O4'" . 5CM B 1 2  ? -0.790  -13.855 2.184   1.00 38.23 ? 12  5CM B "O4'" 1 
HETATM 235 O "O3'" . 5CM B 1 2  ? -0.865  -11.995 5.146   1.00 39.90 ? 12  5CM B "O3'" 1 
HETATM 236 C "C5'" . 5CM B 1 2  ? -2.906  -13.308 3.107   1.00 45.51 ? 12  5CM B "C5'" 1 
HETATM 237 O "O5'" . 5CM B 1 2  ? -3.101  -12.404 2.017   1.00 48.56 ? 12  5CM B "O5'" 1 
HETATM 238 P P     . 5CM B 1 2  ? -4.553  -11.850 1.641   1.00 45.67 ? 12  5CM B P     1 
HETATM 239 O OP1   . 5CM B 1 2  ? -5.346  -11.697 2.886   1.00 51.21 ? 12  5CM B OP1   1 
HETATM 240 O OP2   . 5CM B 1 2  ? -4.380  -10.675 0.766   1.00 50.61 ? 12  5CM B OP2   1 
ATOM   241 P P     . DG  B 1 3  ? -0.770  -10.578 5.880   1.00 36.22 ? 13  DG  B P     1 
ATOM   242 O OP1   . DG  B 1 3  ? -1.199  -10.720 7.281   1.00 42.39 ? 13  DG  B OP1   1 
ATOM   243 O OP2   . DG  B 1 3  ? -1.441  -9.551  5.057   1.00 41.68 ? 13  DG  B OP2   1 
ATOM   244 O "O5'" . DG  B 1 3  ? 0.792   -10.244 5.878   1.00 40.20 ? 13  DG  B "O5'" 1 
ATOM   245 C "C5'" . DG  B 1 3  ? 1.648   -10.636 6.946   1.00 44.39 ? 13  DG  B "C5'" 1 
ATOM   246 C "C4'" . DG  B 1 3  ? 3.068   -10.153 6.661   1.00 41.54 ? 13  DG  B "C4'" 1 
ATOM   247 O "O4'" . DG  B 1 3  ? 3.404   -10.625 5.365   1.00 36.83 ? 13  DG  B "O4'" 1 
ATOM   248 C "C3'" . DG  B 1 3  ? 3.225   -8.649  6.536   1.00 42.35 ? 13  DG  B "C3'" 1 
ATOM   249 O "O3'" . DG  B 1 3  ? 3.472   -8.129  7.847   1.00 44.62 ? 13  DG  B "O3'" 1 
ATOM   250 C "C2'" . DG  B 1 3  ? 4.550   -8.624  5.798   1.00 40.73 ? 13  DG  B "C2'" 1 
ATOM   251 C "C1'" . DG  B 1 3  ? 4.316   -9.706  4.766   1.00 37.18 ? 13  DG  B "C1'" 1 
ATOM   252 N N9    . DG  B 1 3  ? 3.815   -9.168  3.487   1.00 32.05 ? 13  DG  B N9    1 
ATOM   253 C C8    . DG  B 1 3  ? 2.553   -9.158  2.945   1.00 24.62 ? 13  DG  B C8    1 
ATOM   254 N N7    . DG  B 1 3  ? 2.468   -8.589  1.771   1.00 23.45 ? 13  DG  B N7    1 
ATOM   255 C C5    . DG  B 1 3  ? 3.774   -8.196  1.527   1.00 25.12 ? 13  DG  B C5    1 
ATOM   256 C C6    . DG  B 1 3  ? 4.306   -7.487  0.442   1.00 24.21 ? 13  DG  B C6    1 
ATOM   257 O O6    . DG  B 1 3  ? 3.713   -7.084  -0.559  1.00 27.45 ? 13  DG  B O6    1 
ATOM   258 N N1    . DG  B 1 3  ? 5.658   -7.241  0.611   1.00 27.08 ? 13  DG  B N1    1 
ATOM   259 C C2    . DG  B 1 3  ? 6.405   -7.626  1.691   1.00 29.47 ? 13  DG  B C2    1 
ATOM   260 N N2    . DG  B 1 3  ? 7.686   -7.251  1.710   1.00 31.98 ? 13  DG  B N2    1 
ATOM   261 N N3    . DG  B 1 3  ? 5.901   -8.301  2.712   1.00 26.36 ? 13  DG  B N3    1 
ATOM   262 C C4    . DG  B 1 3  ? 4.592   -8.545  2.563   1.00 26.08 ? 13  DG  B C4    1 
ATOM   263 P P     . DG  B 1 4  ? 2.772   -6.771  8.327   1.00 52.58 ? 14  DG  B P     1 
ATOM   264 O OP1   . DG  B 1 4  ? 3.159   -6.501  9.726   1.00 51.35 ? 14  DG  B OP1   1 
ATOM   265 O OP2   . DG  B 1 4  ? 1.332   -6.856  8.013   1.00 49.26 ? 14  DG  B OP2   1 
ATOM   266 O "O5'" . DG  B 1 4  ? 3.426   -5.628  7.399   1.00 47.58 ? 14  DG  B "O5'" 1 
ATOM   267 C "C5'" . DG  B 1 4  ? 4.776   -5.242  7.668   1.00 40.78 ? 14  DG  B "C5'" 1 
ATOM   268 C "C4'" . DG  B 1 4  ? 5.446   -4.562  6.480   1.00 37.86 ? 14  DG  B "C4'" 1 
ATOM   269 O "O4'" . DG  B 1 4  ? 5.295   -5.336  5.295   1.00 38.70 ? 14  DG  B "O4'" 1 
ATOM   270 C "C3'" . DG  B 1 4  ? 4.854   -3.250  6.111   1.00 36.51 ? 14  DG  B "C3'" 1 
ATOM   271 O "O3'" . DG  B 1 4  ? 5.406   -2.312  7.038   1.00 39.60 ? 14  DG  B "O3'" 1 
ATOM   272 C "C2'" . DG  B 1 4  ? 5.538   -3.041  4.772   1.00 37.50 ? 14  DG  B "C2'" 1 
ATOM   273 C "C1'" . DG  B 1 4  ? 5.548   -4.444  4.188   1.00 32.57 ? 14  DG  B "C1'" 1 
ATOM   274 N N9    . DG  B 1 4  ? 4.539   -4.468  3.111   1.00 29.76 ? 14  DG  B N9    1 
ATOM   275 C C8    . DG  B 1 4  ? 3.264   -4.963  3.126   1.00 30.54 ? 14  DG  B C8    1 
ATOM   276 N N7    . DG  B 1 4  ? 2.621   -4.809  2.004   1.00 30.39 ? 14  DG  B N7    1 
ATOM   277 C C5    . DG  B 1 4  ? 3.541   -4.168  1.183   1.00 30.04 ? 14  DG  B C5    1 
ATOM   278 C C6    . DG  B 1 4  ? 3.446   -3.820  -0.179  1.00 30.78 ? 14  DG  B C6    1 
ATOM   279 O O6    . DG  B 1 4  ? 2.501   -3.958  -0.953  1.00 38.12 ? 14  DG  B O6    1 
ATOM   280 N N1    . DG  B 1 4  ? 4.606   -3.277  -0.655  1.00 26.58 ? 14  DG  B N1    1 
ATOM   281 C C2    . DG  B 1 4  ? 5.741   -3.095  0.085   1.00 28.30 ? 14  DG  B C2    1 
ATOM   282 N N2    . DG  B 1 4  ? 6.770   -2.553  -0.558  1.00 25.10 ? 14  DG  B N2    1 
ATOM   283 N N3    . DG  B 1 4  ? 5.848   -3.421  1.368   1.00 26.56 ? 14  DG  B N3    1 
ATOM   284 C C4    . DG  B 1 4  ? 4.710   -3.955  1.848   1.00 28.85 ? 14  DG  B C4    1 
ATOM   285 P P     . DG  B 1 5  ? 5.194   -0.732  6.965   1.00 42.29 ? 15  DG  B P     1 
ATOM   286 O OP1   . DG  B 1 5  ? 5.410   -0.171  8.313   1.00 43.34 ? 15  DG  B OP1   1 
ATOM   287 O OP2   . DG  B 1 5  ? 3.937   -0.429  6.258   1.00 38.83 ? 15  DG  B OP2   1 
ATOM   288 O "O5'" . DG  B 1 5  ? 6.409   -0.289  6.065   1.00 39.48 ? 15  DG  B "O5'" 1 
ATOM   289 C "C5'" . DG  B 1 5  ? 6.362   0.973   5.458   1.00 36.33 ? 15  DG  B "C5'" 1 
ATOM   290 C "C4'" . DG  B 1 5  ? 7.230   0.931   4.250   1.00 38.38 ? 15  DG  B "C4'" 1 
ATOM   291 O "O4'" . DG  B 1 5  ? 6.922   -0.207  3.458   1.00 32.68 ? 15  DG  B "O4'" 1 
ATOM   292 C "C3'" . DG  B 1 5  ? 6.915   2.102   3.429   1.00 37.46 ? 15  DG  B "C3'" 1 
ATOM   293 O "O3'" . DG  B 1 5  ? 7.826   3.069   3.900   1.00 36.31 ? 15  DG  B "O3'" 1 
ATOM   294 C "C2'" . DG  B 1 5  ? 7.359   1.622   2.068   1.00 37.65 ? 15  DG  B "C2'" 1 
ATOM   295 C "C1'" . DG  B 1 5  ? 6.810   0.201   2.086   1.00 32.87 ? 15  DG  B "C1'" 1 
ATOM   296 N N9    . DG  B 1 5  ? 5.399   0.059   1.651   1.00 26.96 ? 15  DG  B N9    1 
ATOM   297 C C8    . DG  B 1 5  ? 4.355   -0.462  2.353   1.00 26.05 ? 15  DG  B C8    1 
ATOM   298 N N7    . DG  B 1 5  ? 3.226   -0.522  1.719   1.00 26.96 ? 15  DG  B N7    1 
ATOM   299 C C5    . DG  B 1 5  ? 3.545   0.008   0.487   1.00 23.38 ? 15  DG  B C5    1 
ATOM   300 C C6    . DG  B 1 5  ? 2.732   0.196   -0.636  1.00 23.72 ? 15  DG  B C6    1 
ATOM   301 O O6    . DG  B 1 5  ? 1.540   -0.077  -0.744  1.00 23.54 ? 15  DG  B O6    1 
ATOM   302 N N1    . DG  B 1 5  ? 3.421   0.765   -1.691  1.00 18.36 ? 15  DG  B N1    1 
ATOM   303 C C2    . DG  B 1 5  ? 4.744   1.106   -1.671  1.00 21.33 ? 15  DG  B C2    1 
ATOM   304 N N2    . DG  B 1 5  ? 5.223   1.709   -2.754  1.00 19.54 ? 15  DG  B N2    1 
ATOM   305 N N3    . DG  B 1 5  ? 5.521   0.922   -0.610  1.00 24.21 ? 15  DG  B N3    1 
ATOM   306 C C4    . DG  B 1 5  ? 4.862   0.370   0.429   1.00 23.14 ? 15  DG  B C4    1 
ATOM   307 P P     . DC  B 1 6  ? 7.335   4.531   4.095   1.00 36.93 ? 16  DC  B P     1 
ATOM   308 O OP1   . DC  B 1 6  ? 8.353   5.259   4.868   1.00 37.95 ? 16  DC  B OP1   1 
ATOM   309 O OP2   . DC  B 1 6  ? 5.942   4.515   4.586   1.00 38.94 ? 16  DC  B OP2   1 
ATOM   310 O "O5'" . DC  B 1 6  ? 7.354   5.007   2.587   1.00 38.00 ? 16  DC  B "O5'" 1 
ATOM   311 C "C5'" . DC  B 1 6  ? 8.603   5.380   1.993   1.00 35.65 ? 16  DC  B "C5'" 1 
ATOM   312 C "C4'" . DC  B 1 6  ? 8.395   5.823   0.559   1.00 35.85 ? 16  DC  B "C4'" 1 
ATOM   313 O "O4'" . DC  B 1 6  ? 7.771   4.732   -0.100  1.00 32.29 ? 16  DC  B "O4'" 1 
ATOM   314 C "C3'" . DC  B 1 6  ? 7.382   6.932   0.439   1.00 36.70 ? 16  DC  B "C3'" 1 
ATOM   315 O "O3'" . DC  B 1 6  ? 8.072   8.167   0.550   1.00 41.10 ? 16  DC  B "O3'" 1 
ATOM   316 C "C2'" . DC  B 1 6  ? 6.978   6.744   -0.997  1.00 32.24 ? 16  DC  B "C2'" 1 
ATOM   317 C "C1'" . DC  B 1 6  ? 6.802   5.232   -1.023  1.00 27.96 ? 16  DC  B "C1'" 1 
ATOM   318 N N1    . DC  B 1 6  ? 5.409   4.728   -0.749  1.00 27.94 ? 16  DC  B N1    1 
ATOM   319 C C2    . DC  B 1 6  ? 4.517   4.666   -1.804  1.00 26.82 ? 16  DC  B C2    1 
ATOM   320 O O2    . DC  B 1 6  ? 4.838   5.043   -2.924  1.00 31.61 ? 16  DC  B O2    1 
ATOM   321 N N3    . DC  B 1 6  ? 3.267   4.179   -1.597  1.00 26.58 ? 16  DC  B N3    1 
ATOM   322 C C4    . DC  B 1 6  ? 2.886   3.757   -0.392  1.00 20.05 ? 16  DC  B C4    1 
ATOM   323 N N4    . DC  B 1 6  ? 1.669   3.266   -0.201  1.00 18.84 ? 16  DC  B N4    1 
ATOM   324 C C5    . DC  B 1 6  ? 3.769   3.805   0.712   1.00 20.95 ? 16  DC  B C5    1 
ATOM   325 C C6    . DC  B 1 6  ? 5.004   4.293   0.488   1.00 25.63 ? 16  DC  B C6    1 
ATOM   326 P P     . DC  B 1 7  ? 7.344   9.248   1.486   1.00 49.43 ? 17  DC  B P     1 
ATOM   327 O OP1   . DC  B 1 7  ? 8.174   10.460  1.583   1.00 51.46 ? 17  DC  B OP1   1 
ATOM   328 O OP2   . DC  B 1 7  ? 6.892   8.613   2.748   1.00 46.13 ? 17  DC  B OP2   1 
ATOM   329 O "O5'" . DC  B 1 7  ? 6.050   9.652   0.639   1.00 44.71 ? 17  DC  B "O5'" 1 
ATOM   330 C "C5'" . DC  B 1 7  ? 6.185   10.527  -0.486  1.00 39.25 ? 17  DC  B "C5'" 1 
ATOM   331 C "C4'" . DC  B 1 7  ? 4.946   10.471  -1.377  1.00 33.41 ? 17  DC  B "C4'" 1 
ATOM   332 O "O4'" . DC  B 1 7  ? 4.632   9.084   -1.538  1.00 33.60 ? 17  DC  B "O4'" 1 
ATOM   333 C "C3'" . DC  B 1 7  ? 3.692   11.055  -0.776  1.00 37.22 ? 17  DC  B "C3'" 1 
ATOM   334 O "O3'" . DC  B 1 7  ? 3.679   12.455  -1.063  1.00 40.55 ? 17  DC  B "O3'" 1 
ATOM   335 C "C2'" . DC  B 1 7  ? 2.683   10.409  -1.690  1.00 32.73 ? 17  DC  B "C2'" 1 
ATOM   336 C "C1'" . DC  B 1 7  ? 3.229   8.986   -1.792  1.00 31.86 ? 17  DC  B "C1'" 1 
ATOM   337 N N1    . DC  B 1 7  ? 2.492   8.079   -0.879  1.00 24.63 ? 17  DC  B N1    1 
ATOM   338 C C2    . DC  B 1 7  ? 1.309   7.532   -1.341  1.00 28.27 ? 17  DC  B C2    1 
ATOM   339 O O2    . DC  B 1 7  ? 0.945   7.716   -2.503  1.00 28.63 ? 17  DC  B O2    1 
ATOM   340 N N3    . DC  B 1 7  ? 0.579   6.735   -0.510  1.00 28.17 ? 17  DC  B N3    1 
ATOM   341 C C4    . DC  B 1 7  ? 0.983   6.476   0.729   1.00 25.55 ? 17  DC  B C4    1 
ATOM   342 N N4    . DC  B 1 7  ? 0.229   5.736   1.538   1.00 29.77 ? 17  DC  B N4    1 
ATOM   343 C C5    . DC  B 1 7  ? 2.203   7.014   1.219   1.00 25.80 ? 17  DC  B C5    1 
ATOM   344 C C6    . DC  B 1 7  ? 2.911   7.803   0.386   1.00 24.64 ? 17  DC  B C6    1 
HETATM 345 N N1    . 5CM B 1 8  ? -1.639  10.522  -1.158  1.00 30.70 ? 18  5CM B N1    1 
HETATM 346 C C2    . 5CM B 1 8  ? -2.617  9.552   -1.236  1.00 31.08 ? 18  5CM B C2    1 
HETATM 347 N N3    . 5CM B 1 8  ? -2.745  8.653   -0.234  1.00 30.77 ? 18  5CM B N3    1 
HETATM 348 C C4    . 5CM B 1 8  ? -1.954  8.686   0.827   1.00 29.36 ? 18  5CM B C4    1 
HETATM 349 C C5    . 5CM B 1 8  ? -0.944  9.681   0.946   1.00 28.36 ? 18  5CM B C5    1 
HETATM 350 C C5A   . 5CM B 1 8  ? -0.100  9.786   2.188   1.00 30.93 ? 18  5CM B C5A   1 
HETATM 351 C C6    . 5CM B 1 8  ? -0.816  10.569  -0.062  1.00 28.14 ? 18  5CM B C6    1 
HETATM 352 O O2    . 5CM B 1 8  ? -3.363  9.484   -2.204  1.00 33.52 ? 18  5CM B O2    1 
HETATM 353 N N4    . 5CM B 1 8  ? -2.111  7.752   1.769   1.00 33.46 ? 18  5CM B N4    1 
HETATM 354 C "C1'" . 5CM B 1 8  ? -1.534  11.461  -2.311  1.00 32.65 ? 18  5CM B "C1'" 1 
HETATM 355 C "C2'" . 5CM B 1 8  ? -2.447  12.674  -2.244  1.00 33.60 ? 18  5CM B "C2'" 1 
HETATM 356 C "C3'" . 5CM B 1 8  ? -1.503  13.693  -1.652  1.00 37.27 ? 18  5CM B "C3'" 1 
HETATM 357 C "C4'" . 5CM B 1 8  ? -0.300  13.397  -2.511  1.00 30.69 ? 18  5CM B "C4'" 1 
HETATM 358 O "O4'" . 5CM B 1 8  ? -0.217  11.975  -2.495  1.00 34.09 ? 18  5CM B "O4'" 1 
HETATM 359 O "O3'" . 5CM B 1 8  ? -1.974  15.006  -1.987  1.00 36.07 ? 18  5CM B "O3'" 1 
HETATM 360 C "C5'" . 5CM B 1 8  ? 1.035   13.918  -2.012  1.00 36.10 ? 18  5CM B "C5'" 1 
HETATM 361 O "O5'" . 5CM B 1 8  ? 1.343   13.274  -0.781  1.00 34.70 ? 18  5CM B "O5'" 1 
HETATM 362 P P     . 5CM B 1 8  ? 2.800   13.465  -0.186  1.00 37.59 ? 18  5CM B P     1 
HETATM 363 O OP1   . 5CM B 1 8  ? 3.243   14.839  -0.470  1.00 45.58 ? 18  5CM B OP1   1 
HETATM 364 O OP2   . 5CM B 1 8  ? 2.801   12.978  1.204   1.00 41.24 ? 18  5CM B OP2   1 
ATOM   365 P P     . DG  B 1 9  ? -2.848  15.833  -0.925  1.00 38.03 ? 19  DG  B P     1 
ATOM   366 O OP1   . DG  B 1 9  ? -2.995  17.214  -1.419  1.00 35.75 ? 19  DG  B OP1   1 
ATOM   367 O OP2   . DG  B 1 9  ? -2.287  15.603  0.427   1.00 29.22 ? 19  DG  B OP2   1 
ATOM   368 O "O5'" . DG  B 1 9  ? -4.273  15.139  -1.012  1.00 34.78 ? 19  DG  B "O5'" 1 
ATOM   369 C "C5'" . DG  B 1 9  ? -5.205  15.444  -2.052  1.00 33.63 ? 19  DG  B "C5'" 1 
ATOM   370 C "C4'" . DG  B 1 9  ? -6.407  14.503  -1.973  1.00 36.16 ? 19  DG  B "C4'" 1 
ATOM   371 O "O4'" . DG  B 1 9  ? -5.942  13.149  -2.009  1.00 36.65 ? 19  DG  B "O4'" 1 
ATOM   372 C "C3'" . DG  B 1 9  ? -7.113  14.552  -0.661  1.00 34.19 ? 19  DG  B "C3'" 1 
ATOM   373 O "O3'" . DG  B 1 9  ? -7.961  15.684  -0.676  1.00 36.13 ? 19  DG  B "O3'" 1 
ATOM   374 C "C2'" . DG  B 1 9  ? -7.935  13.294  -0.808  1.00 33.65 ? 19  DG  B "C2'" 1 
ATOM   375 C "C1'" . DG  B 1 9  ? -6.810  12.345  -1.176  1.00 33.40 ? 19  DG  B "C1'" 1 
ATOM   376 N N9    . DG  B 1 9  ? -6.118  11.794  0.032   1.00 33.18 ? 19  DG  B N9    1 
ATOM   377 C C8    . DG  B 1 9  ? -4.857  12.039  0.549   1.00 33.98 ? 19  DG  B C8    1 
ATOM   378 N N7    . DG  B 1 9  ? -4.560  11.362  1.623   1.00 30.85 ? 19  DG  B N7    1 
ATOM   379 C C5    . DG  B 1 9  ? -5.708  10.609  1.834   1.00 31.03 ? 19  DG  B C5    1 
ATOM   380 C C6    . DG  B 1 9  ? -5.982  9.653   2.820   1.00 27.78 ? 19  DG  B C6    1 
ATOM   381 O O6    . DG  B 1 9  ? -5.282  9.329   3.770   1.00 27.42 ? 19  DG  B O6    1 
ATOM   382 N N1    . DG  B 1 9  ? -7.227  9.087   2.664   1.00 27.37 ? 19  DG  B N1    1 
ATOM   383 C C2    . DG  B 1 9  ? -8.115  9.397   1.679   1.00 31.18 ? 19  DG  B C2    1 
ATOM   384 N N2    . DG  B 1 9  ? -9.265  8.741   1.705   1.00 29.10 ? 19  DG  B N2    1 
ATOM   385 N N3    . DG  B 1 9  ? -7.868  10.302  0.739   1.00 30.19 ? 19  DG  B N3    1 
ATOM   386 C C4    . DG  B 1 9  ? -6.650  10.865  0.878   1.00 30.13 ? 19  DG  B C4    1 
ATOM   387 P P     . DG  B 1 10 ? -8.164  16.462  0.706   1.00 35.08 ? 20  DG  B P     1 
ATOM   388 O OP1   . DG  B 1 10 ? -8.876  17.732  0.408   1.00 40.46 ? 20  DG  B OP1   1 
ATOM   389 O OP2   . DG  B 1 10 ? -6.885  16.505  1.438   1.00 32.52 ? 20  DG  B OP2   1 
ATOM   390 O "O5'" . DG  B 1 10 ? -9.138  15.478  1.485   1.00 37.28 ? 20  DG  B "O5'" 1 
ATOM   391 C "C5'" . DG  B 1 10 ? -10.505 15.315  1.106   1.00 38.86 ? 20  DG  B "C5'" 1 
ATOM   392 C "C4'" . DG  B 1 10 ? -11.158 14.306  2.035   1.00 37.37 ? 20  DG  B "C4'" 1 
ATOM   393 O "O4'" . DG  B 1 10 ? -10.355 13.124  2.067   1.00 34.77 ? 20  DG  B "O4'" 1 
ATOM   394 C "C3'" . DG  B 1 10 ? -11.166 14.759  3.461   1.00 37.54 ? 20  DG  B "C3'" 1 
ATOM   395 O "O3'" . DG  B 1 10 ? -12.185 15.747  3.618   1.00 33.77 ? 20  DG  B "O3'" 1 
ATOM   396 C "C2'" . DG  B 1 10 ? -11.443 13.434  4.145   1.00 35.31 ? 20  DG  B "C2'" 1 
ATOM   397 C "C1'" . DG  B 1 10 ? -10.524 12.487  3.345   1.00 37.11 ? 20  DG  B "C1'" 1 
ATOM   398 N N9    . DG  B 1 10 ? -9.226  12.213  4.019   1.00 32.76 ? 20  DG  B N9    1 
ATOM   399 C C8    . DG  B 1 10 ? -8.019  12.870  3.904   1.00 32.17 ? 20  DG  B C8    1 
ATOM   400 N N7    . DG  B 1 10 ? -7.062  12.370  4.647   1.00 32.72 ? 20  DG  B N7    1 
ATOM   401 C C5    . DG  B 1 10 ? -7.682  11.306  5.298   1.00 29.94 ? 20  DG  B C5    1 
ATOM   402 C C6    . DG  B 1 10 ? -7.158  10.400  6.243   1.00 29.50 ? 20  DG  B C6    1 
ATOM   403 O O6    . DG  B 1 10 ? -6.025  10.336  6.701   1.00 36.08 ? 20  DG  B O6    1 
ATOM   404 N N1    . DG  B 1 10 ? -8.096  9.500   6.664   1.00 29.94 ? 20  DG  B N1    1 
ATOM   405 C C2    . DG  B 1 10 ? -9.388  9.472   6.228   1.00 29.43 ? 20  DG  B C2    1 
ATOM   406 N N2    . DG  B 1 10 ? -10.134 8.510   6.760   1.00 30.18 ? 20  DG  B N2    1 
ATOM   407 N N3    . DG  B 1 10 ? -9.898  10.321  5.337   1.00 29.04 ? 20  DG  B N3    1 
ATOM   408 C C4    . DG  B 1 10 ? -8.984  11.206  4.918   1.00 29.16 ? 20  DG  B C4    1 
HETATM 409 O O     . HOH C 2 .  ? 0.009   -3.607  -5.691  1.00 46.24 ? 25  HOH A O     1 
HETATM 410 O O     . HOH C 2 .  ? 4.813   -10.974 -7.556  1.00 51.63 ? 27  HOH A O     1 
HETATM 411 O O     . HOH C 2 .  ? 5.717   -8.727  -6.511  1.00 38.58 ? 28  HOH A O     1 
HETATM 412 O O     . HOH C 2 .  ? 8.653   -6.963  -6.650  1.00 19.82 ? 29  HOH A O     1 
HETATM 413 O O     . HOH C 2 .  ? 6.789   -5.181  -9.794  1.00 52.81 ? 30  HOH A O     1 
HETATM 414 O O     . HOH C 2 .  ? -3.183  2.966   2.763   1.00 52.95 ? 31  HOH A O     1 
HETATM 415 O O     . HOH C 2 .  ? -3.087  6.629   7.244   1.00 48.59 ? 32  HOH A O     1 
HETATM 416 O O     . HOH C 2 .  ? -10.836 1.025   12.183  1.00 59.98 ? 33  HOH A O     1 
HETATM 417 O O     . HOH C 2 .  ? -8.678  5.172   -9.816  1.00 51.30 ? 34  HOH A O     1 
HETATM 418 O O     . HOH C 2 .  ? -12.978 3.177   -4.013  1.00 58.39 ? 35  HOH A O     1 
HETATM 419 O O     . HOH C 2 .  ? -15.113 1.873   -2.033  1.00 53.93 ? 36  HOH A O     1 
HETATM 420 O O     . HOH C 2 .  ? 13.382  -16.539 0.707   1.00 73.07 ? 72  HOH A O     1 
HETATM 421 O O     . HOH C 2 .  ? 12.254  -18.535 -1.906  1.00 61.03 ? 73  HOH A O     1 
HETATM 422 O O     . HOH C 2 .  ? 11.162  0.845   -7.987  1.00 66.21 ? 76  HOH A O     1 
HETATM 423 O O     . HOH C 2 .  ? 12.807  -4.844  -9.827  1.00 44.13 ? 77  HOH A O     1 
HETATM 424 O O     . HOH C 2 .  ? 13.867  -12.470 -2.038  1.00 60.88 ? 79  HOH A O     1 
HETATM 425 O O     . HOH C 2 .  ? 10.755  -13.256 1.489   1.00 49.95 ? 80  HOH A O     1 
HETATM 426 O O     . HOH C 2 .  ? 8.446   -12.647 2.489   1.00 76.27 ? 82  HOH A O     1 
HETATM 427 O O     . HOH C 2 .  ? 7.834   -3.357  -12.000 1.00 68.77 ? 83  HOH A O     1 
HETATM 428 O O     . HOH C 2 .  ? 3.971   -4.609  -9.271  1.00 71.21 ? 84  HOH A O     1 
HETATM 429 O O     . HOH C 2 .  ? -1.581  -2.252  -9.495  1.00 71.69 ? 85  HOH A O     1 
HETATM 430 O O     . HOH C 2 .  ? -2.717  -1.738  -3.927  1.00 40.22 ? 87  HOH A O     1 
HETATM 431 O O     . HOH C 2 .  ? -4.045  0.958   -4.088  1.00 57.95 ? 88  HOH A O     1 
HETATM 432 O O     . HOH C 2 .  ? -1.624  1.109   -0.956  1.00 69.16 ? 89  HOH A O     1 
HETATM 433 O O     . HOH C 2 .  ? -4.958  1.752   1.132   1.00 59.65 ? 90  HOH A O     1 
HETATM 434 O O     . HOH C 2 .  ? -5.573  2.861   3.924   1.00 66.83 ? 91  HOH A O     1 
HETATM 435 O O     . HOH C 2 .  ? -7.163  0.913   4.540   1.00 64.50 ? 93  HOH A O     1 
HETATM 436 O O     . HOH C 2 .  ? -3.065  5.606   13.025  1.00 66.15 ? 94  HOH A O     1 
HETATM 437 O O     . HOH C 2 .  ? -2.326  3.721   9.527   1.00 68.32 ? 95  HOH A O     1 
HETATM 438 O O     . HOH C 2 .  ? -9.415  -1.139  11.488  1.00 53.23 ? 96  HOH A O     1 
HETATM 439 O O     . HOH C 2 .  ? -9.561  -1.728  14.857  1.00 62.52 ? 97  HOH A O     1 
HETATM 440 O O     . HOH C 2 .  ? -7.047  9.758   9.383   1.00 84.62 ? 98  HOH A O     1 
HETATM 441 O O     . HOH C 2 .  ? -7.218  -2.114  3.377   1.00 54.05 ? 99  HOH A O     1 
HETATM 442 O O     . HOH C 2 .  ? -9.117  -2.206  5.272   1.00 65.91 ? 100 HOH A O     1 
HETATM 443 O O     . HOH C 2 .  ? -8.991  -3.861  1.848   1.00 77.56 ? 101 HOH A O     1 
HETATM 444 O O     . HOH C 2 .  ? -10.684 -2.348  0.561   1.00 58.67 ? 102 HOH A O     1 
HETATM 445 O O     . HOH C 2 .  ? 7.389   -11.207 -6.675  1.00 51.59 ? 103 HOH A O     1 
HETATM 446 O O     . HOH C 2 .  ? 15.991  -11.676 -3.363  1.00 62.14 ? 104 HOH A O     1 
HETATM 447 O O     . HOH C 2 .  ? 3.984   -2.969  -14.219 1.00 70.83 ? 105 HOH A O     1 
HETATM 448 O O     . HOH C 2 .  ? 7.616   -6.459  -12.264 1.00 66.09 ? 106 HOH A O     1 
HETATM 449 O O     . HOH C 2 .  ? -3.094  -0.211  -7.710  1.00 59.37 ? 107 HOH A O     1 
HETATM 450 O O     . HOH C 2 .  ? -10.549 3.291   -9.449  1.00 51.90 ? 108 HOH A O     1 
HETATM 451 O O     . HOH C 2 .  ? 9.087   4.022   -7.503  1.00 66.52 ? 111 HOH A O     1 
HETATM 452 O O     . HOH D 2 .  ? -2.665  12.005  3.382   1.00 41.51 ? 21  HOH B O     1 
HETATM 453 O O     . HOH D 2 .  ? 2.368   0.854   10.145  1.00 41.83 ? 22  HOH B O     1 
HETATM 454 O O     . HOH D 2 .  ? -0.451  -6.678  1.340   1.00 47.00 ? 23  HOH B O     1 
HETATM 455 O O     . HOH D 2 .  ? 0.020   -5.990  4.134   1.00 64.47 ? 24  HOH B O     1 
HETATM 456 O O     . HOH D 2 .  ? 1.662   -6.889  -3.397  1.00 39.83 ? 26  HOH B O     1 
HETATM 457 O O     . HOH D 2 .  ? -4.613  13.590  4.396   1.00 44.28 ? 37  HOH B O     1 
HETATM 458 O O     . HOH D 2 .  ? -4.218  15.713  2.431   1.00 60.77 ? 38  HOH B O     1 
HETATM 459 O O     . HOH D 2 .  ? -2.687  13.145  6.163   1.00 32.57 ? 39  HOH B O     1 
HETATM 460 O O     . HOH D 2 .  ? -3.436  10.396  5.284   1.00 42.62 ? 40  HOH B O     1 
HETATM 461 O O     . HOH D 2 .  ? -0.814  14.115  2.404   1.00 62.95 ? 41  HOH B O     1 
HETATM 462 O O     . HOH D 2 .  ? 2.499   13.267  4.308   1.00 69.74 ? 42  HOH B O     1 
HETATM 463 O O     . HOH D 2 .  ? 6.990   13.273  3.297   1.00 60.63 ? 43  HOH B O     1 
HETATM 464 O O     . HOH D 2 .  ? 5.717   10.814  2.913   1.00 70.35 ? 44  HOH B O     1 
HETATM 465 O O     . HOH D 2 .  ? 0.638   5.235   4.492   1.00 69.89 ? 45  HOH B O     1 
HETATM 466 O O     . HOH D 2 .  ? 1.659   6.972   8.290   1.00 65.27 ? 46  HOH B O     1 
HETATM 467 O O     . HOH D 2 .  ? -0.248  8.816   5.970   1.00 49.56 ? 47  HOH B O     1 
HETATM 468 O O     . HOH D 2 .  ? 9.512   8.599   4.920   1.00 56.01 ? 48  HOH B O     1 
HETATM 469 O O     . HOH D 2 .  ? -9.931  -20.786 -6.185  1.00 62.10 ? 49  HOH B O     1 
HETATM 470 O O     . HOH D 2 .  ? 2.749   -1.164  8.363   1.00 48.51 ? 50  HOH B O     1 
HETATM 471 O O     . HOH D 2 .  ? 1.271   -2.305  10.216  1.00 59.55 ? 51  HOH B O     1 
HETATM 472 O O     . HOH D 2 .  ? 0.157   -2.514  2.146   1.00 69.54 ? 52  HOH B O     1 
HETATM 473 O O     . HOH D 2 .  ? -1.487  -4.619  7.987   1.00 63.44 ? 53  HOH B O     1 
HETATM 474 O O     . HOH D 2 .  ? 1.123   -4.855  6.468   1.00 60.60 ? 54  HOH B O     1 
HETATM 475 O O     . HOH D 2 .  ? 0.007   -3.710  -0.242  1.00 49.18 ? 55  HOH B O     1 
HETATM 476 O O     . HOH D 2 .  ? 0.883   -6.104  -0.995  1.00 57.49 ? 56  HOH B O     1 
HETATM 477 O O     . HOH D 2 .  ? 4.962   -8.572  10.201  1.00 76.29 ? 57  HOH B O     1 
HETATM 478 O O     . HOH D 2 .  ? 6.278   -10.947 9.539   1.00 64.26 ? 58  HOH B O     1 
HETATM 479 O O     . HOH D 2 .  ? 0.845   -9.132  11.220  1.00 62.56 ? 59  HOH B O     1 
HETATM 480 O O     . HOH D 2 .  ? -0.605  -12.024 9.491   1.00 58.51 ? 60  HOH B O     1 
HETATM 481 O O     . HOH D 2 .  ? -4.034  -12.224 9.509   1.00 51.00 ? 61  HOH B O     1 
HETATM 482 O O     . HOH D 2 .  ? -4.735  -8.563  9.895   1.00 69.52 ? 62  HOH B O     1 
HETATM 483 O O     . HOH D 2 .  ? -2.223  -9.340  2.202   1.00 71.22 ? 63  HOH B O     1 
HETATM 484 O O     . HOH D 2 .  ? -2.973  -7.307  0.625   1.00 63.67 ? 64  HOH B O     1 
HETATM 485 O O     . HOH D 2 .  ? -6.433  -7.511  2.018   1.00 68.73 ? 65  HOH B O     1 
HETATM 486 O O     . HOH D 2 .  ? -9.060  -10.001 3.047   1.00 79.65 ? 66  HOH B O     1 
HETATM 487 O O     . HOH D 2 .  ? 1.671   -11.639 10.822  1.00 54.55 ? 67  HOH B O     1 
HETATM 488 O O     . HOH D 2 .  ? -4.132  -5.757  -4.404  1.00 67.67 ? 68  HOH B O     1 
HETATM 489 O O     . HOH D 2 .  ? -0.806  -8.473  -3.924  1.00 59.74 ? 69  HOH B O     1 
HETATM 490 O O     . HOH D 2 .  ? -7.244  -16.088 -3.881  1.00 66.19 ? 70  HOH B O     1 
HETATM 491 O O     . HOH D 2 .  ? -9.060  -18.924 -4.346  1.00 51.09 ? 71  HOH B O     1 
HETATM 492 O O     . HOH D 2 .  ? -12.001 12.274  -1.875  1.00 60.06 ? 74  HOH B O     1 
HETATM 493 O O     . HOH D 2 .  ? -10.101 16.701  -2.760  1.00 52.36 ? 75  HOH B O     1 
HETATM 494 O O     . HOH D 2 .  ? 2.386   -6.318  -5.927  1.00 50.28 ? 78  HOH B O     1 
HETATM 495 O O     . HOH D 2 .  ? 7.896   -10.116 2.909   1.00 72.64 ? 81  HOH B O     1 
HETATM 496 O O     . HOH D 2 .  ? -1.038  -4.481  -2.920  1.00 53.96 ? 86  HOH B O     1 
HETATM 497 O O     . HOH D 2 .  ? -1.918  5.052   5.242   1.00 51.11 ? 92  HOH B O     1 
HETATM 498 O O     . HOH D 2 .  ? -10.503 11.382  0.139   1.00 61.35 ? 109 HOH B O     1 
HETATM 499 O O     . HOH D 2 .  ? -10.955 18.915  1.731   1.00 71.63 ? 110 HOH B O     1 
# 
